data_4H18
#
_entry.id   4H18
#
_cell.length_a   85.804
_cell.length_b   190.688
_cell.length_c   78.497
_cell.angle_alpha   90.00
_cell.angle_beta   90.00
_cell.angle_gamma   90.00
#
_symmetry.space_group_name_H-M   'P 21 21 2'
#
loop_
_entity.id
_entity.type
_entity.pdbx_description
1 polymer Cmt1
2 non-polymer 'MAGNESIUM ION'
3 water water
#
_entity_poly.entity_id   1
_entity_poly.type   'polypeptide(L)'
_entity_poly.pdbx_seq_one_letter_code
;MKLLRRIAAPAIALGIAMSTIVTPSTAGAAEVTPADVAGDTALSTISDSAPADEASAPRWRAHVNAADERVKEMWAYSPS
MDRNVPLVVITADESAGPRPVIYLLNGGDGGEGAANWVMQTDVLDFYLEKNVNVVIPMEGKFSYYTDWVEENASLGGKQM
WETFLVKELPGPLEEKLNTDGQRAIAGMSMSATTSLLFPQHFPGFYDAAASFSGCAATSSLLPWEYLKLTLDRGNATPEQ
MWGPRGGEYNIYNDALINSDKLRGTELYVSNASGLAGEWESVDSPRFEGLNQQVQSIAMAETVVTGGIIEAATNKCTHDL
KAKLDSAGIPADWNLRPTGTHSWGWWQDDLRGSWTTFARAFELEAHHHHHH
;
_entity_poly.pdbx_strand_id   A,B,C,D
#
loop_
_chem_comp.id
_chem_comp.type
_chem_comp.name
_chem_comp.formula
MG non-polymer 'MAGNESIUM ION' 'Mg 2'
#
# COMPACT_ATOMS: atom_id res chain seq x y z
N ALA A 30 28.07 -7.39 -11.84
CA ALA A 30 29.17 -6.53 -12.27
C ALA A 30 30.37 -7.42 -12.55
N GLU A 31 31.26 -6.99 -13.43
CA GLU A 31 32.45 -7.78 -13.73
C GLU A 31 33.57 -7.48 -12.77
N VAL A 32 33.47 -6.37 -12.07
CA VAL A 32 34.50 -5.94 -11.12
C VAL A 32 34.13 -6.44 -9.73
N THR A 33 35.09 -7.05 -9.04
CA THR A 33 34.82 -7.72 -7.76
C THR A 33 35.22 -6.86 -6.59
N PRO A 34 34.75 -7.23 -5.38
CA PRO A 34 35.18 -6.46 -4.21
C PRO A 34 36.68 -6.41 -4.10
N ALA A 35 37.37 -7.53 -4.31
CA ALA A 35 38.82 -7.52 -4.18
C ALA A 35 39.48 -6.62 -5.22
N ASP A 36 38.90 -6.54 -6.41
CA ASP A 36 39.45 -5.67 -7.45
C ASP A 36 39.53 -4.23 -6.95
N VAL A 37 38.47 -3.74 -6.30
CA VAL A 37 38.49 -2.34 -5.87
C VAL A 37 39.16 -2.11 -4.49
N ALA A 38 39.20 -3.15 -3.65
CA ALA A 38 39.67 -3.00 -2.29
C ALA A 38 41.19 -2.85 -2.18
N GLY A 39 41.93 -3.38 -3.16
CA GLY A 39 43.37 -3.34 -3.09
C GLY A 39 43.81 -4.02 -1.81
N ASP A 40 44.71 -3.35 -1.07
N ASP A 40 44.68 -3.34 -1.06
CA ASP A 40 45.22 -3.94 0.17
CA ASP A 40 45.21 -3.95 0.14
C ASP A 40 44.55 -3.39 1.42
C ASP A 40 44.58 -3.34 1.40
N THR A 41 43.44 -2.68 1.22
CA THR A 41 42.71 -2.07 2.32
C THR A 41 42.36 -3.11 3.37
N ALA A 42 42.56 -2.79 4.65
CA ALA A 42 42.17 -3.70 5.72
C ALA A 42 40.66 -3.85 5.68
N LEU A 43 40.14 -5.08 5.66
CA LEU A 43 38.70 -5.28 5.46
C LEU A 43 37.87 -5.18 6.76
N SER A 44 36.58 -4.88 6.58
CA SER A 44 35.64 -4.84 7.68
C SER A 44 35.40 -6.24 8.28
N THR A 45 35.05 -6.25 9.56
CA THR A 45 34.57 -7.45 10.24
C THR A 45 33.11 -7.20 10.52
N ILE A 46 32.25 -8.11 10.04
CA ILE A 46 30.81 -7.99 10.26
C ILE A 46 30.40 -8.75 11.52
N SER A 47 29.57 -8.13 12.34
CA SER A 47 29.09 -8.77 13.55
C SER A 47 27.55 -8.82 13.53
N ASP A 48 26.97 -9.83 14.18
CA ASP A 48 25.52 -9.95 14.15
C ASP A 48 24.88 -9.26 15.35
N SER A 49 25.71 -8.66 16.18
CA SER A 49 25.21 -8.04 17.40
C SER A 49 25.87 -6.68 17.59
N ALA A 50 25.16 -5.76 18.24
CA ALA A 50 25.68 -4.42 18.56
C ALA A 50 26.88 -4.44 19.51
N PRO A 51 27.65 -3.35 19.56
CA PRO A 51 28.81 -3.36 20.47
C PRO A 51 28.36 -3.41 21.93
N ALA A 52 29.12 -4.09 22.78
CA ALA A 52 28.80 -4.13 24.20
C ALA A 52 28.87 -2.72 24.77
N ASP A 53 29.64 -1.88 24.09
CA ASP A 53 29.76 -0.45 24.38
C ASP A 53 28.44 0.34 24.27
N GLU A 54 27.47 -0.21 23.54
CA GLU A 54 26.23 0.53 23.21
C GLU A 54 25.51 1.14 24.43
N ALA A 55 25.44 2.46 24.45
CA ALA A 55 24.75 3.20 25.51
C ALA A 55 23.23 2.95 25.51
N SER A 56 22.54 3.39 24.45
CA SER A 56 21.10 3.16 24.33
C SER A 56 20.74 2.54 22.97
N ALA A 57 19.52 2.00 22.87
CA ALA A 57 19.04 1.37 21.64
C ALA A 57 18.69 2.40 20.57
N PRO A 58 19.20 2.21 19.34
CA PRO A 58 18.89 3.14 18.25
C PRO A 58 17.37 3.23 18.02
N ARG A 59 16.88 4.35 17.53
CA ARG A 59 15.45 4.50 17.31
C ARG A 59 14.90 3.48 16.31
N TRP A 60 15.75 3.06 15.38
CA TRP A 60 15.26 2.23 14.30
C TRP A 60 15.19 0.75 14.69
N ARG A 61 15.77 0.38 15.82
CA ARG A 61 15.81 -1.05 16.19
C ARG A 61 14.40 -1.66 16.30
N ALA A 62 13.44 -0.93 16.87
CA ALA A 62 12.07 -1.47 16.98
C ALA A 62 11.46 -1.82 15.62
N HIS A 63 11.79 -1.02 14.61
CA HIS A 63 11.29 -1.26 13.25
C HIS A 63 11.86 -2.53 12.66
N VAL A 64 13.17 -2.73 12.85
CA VAL A 64 13.81 -3.94 12.42
C VAL A 64 13.18 -5.16 13.14
N ASN A 65 13.01 -5.06 14.46
CA ASN A 65 12.57 -6.21 15.27
C ASN A 65 11.16 -6.67 14.96
N ALA A 66 10.36 -5.77 14.40
CA ALA A 66 8.97 -6.08 14.08
C ALA A 66 8.81 -6.56 12.64
N ALA A 67 9.89 -6.48 11.87
CA ALA A 67 9.82 -6.83 10.46
C ALA A 67 10.07 -8.32 10.24
N ASP A 68 9.94 -8.75 9.00
CA ASP A 68 10.22 -10.12 8.63
C ASP A 68 11.61 -10.49 9.09
N GLU A 69 11.77 -11.76 9.43
CA GLU A 69 13.04 -12.33 9.86
C GLU A 69 14.18 -12.04 8.89
N ARG A 70 13.85 -11.85 7.62
CA ARG A 70 14.88 -11.59 6.62
C ARG A 70 15.49 -10.20 6.78
N VAL A 71 14.87 -9.36 7.61
CA VAL A 71 15.48 -8.04 7.88
C VAL A 71 16.37 -8.20 9.09
N LYS A 72 17.65 -7.84 8.94
CA LYS A 72 18.61 -8.03 10.02
C LYS A 72 19.34 -6.77 10.42
N GLU A 73 19.62 -6.65 11.71
CA GLU A 73 20.58 -5.66 12.16
C GLU A 73 22.00 -6.27 12.17
N MET A 74 22.95 -5.65 11.47
CA MET A 74 24.32 -6.11 11.48
C MET A 74 25.22 -4.93 11.80
N TRP A 75 26.45 -5.22 12.20
CA TRP A 75 27.39 -4.16 12.51
C TRP A 75 28.70 -4.43 11.82
N ALA A 76 29.29 -3.39 11.22
CA ALA A 76 30.52 -3.57 10.47
C ALA A 76 31.59 -2.69 11.06
N TYR A 77 32.70 -3.28 11.48
CA TYR A 77 33.79 -2.49 11.98
C TYR A 77 34.62 -1.91 10.82
N SER A 78 34.88 -0.62 10.88
CA SER A 78 35.69 0.05 9.86
C SER A 78 37.07 0.31 10.40
N PRO A 79 38.10 -0.35 9.82
CA PRO A 79 39.44 -0.13 10.38
C PRO A 79 39.94 1.29 10.16
N SER A 80 39.59 1.89 9.04
CA SER A 80 40.10 3.22 8.74
C SER A 80 39.49 4.28 9.63
N MET A 81 38.26 4.06 10.09
CA MET A 81 37.61 5.05 10.96
C MET A 81 37.67 4.63 12.41
N ASP A 82 38.05 3.38 12.65
CA ASP A 82 37.97 2.77 13.98
C ASP A 82 36.57 2.96 14.54
N ARG A 83 35.58 2.58 13.75
CA ARG A 83 34.19 2.84 14.08
C ARG A 83 33.40 1.58 13.80
N ASN A 84 32.45 1.29 14.69
CA ASN A 84 31.45 0.27 14.42
C ASN A 84 30.25 0.91 13.79
N VAL A 85 29.95 0.50 12.56
CA VAL A 85 28.92 1.15 11.77
C VAL A 85 27.71 0.21 11.71
N PRO A 86 26.53 0.66 12.16
CA PRO A 86 25.32 -0.18 12.12
C PRO A 86 24.74 -0.25 10.71
N LEU A 87 24.24 -1.42 10.31
CA LEU A 87 23.62 -1.62 9.00
C LEU A 87 22.24 -2.26 9.19
N VAL A 88 21.24 -1.73 8.51
CA VAL A 88 19.96 -2.43 8.43
C VAL A 88 19.99 -3.16 7.11
N VAL A 89 19.86 -4.48 7.15
CA VAL A 89 20.06 -5.29 5.94
C VAL A 89 18.81 -6.10 5.59
N ILE A 90 18.28 -5.91 4.38
CA ILE A 90 17.16 -6.71 3.93
C ILE A 90 17.79 -7.85 3.18
N THR A 91 17.60 -9.09 3.64
CA THR A 91 18.21 -10.21 2.94
C THR A 91 17.22 -10.85 1.96
N ALA A 92 17.76 -11.33 0.84
CA ALA A 92 16.95 -12.04 -0.14
C ALA A 92 16.57 -13.38 0.45
N ASP A 93 15.55 -14.03 -0.13
CA ASP A 93 15.30 -15.41 0.23
C ASP A 93 16.20 -16.33 -0.61
N GLU A 94 16.07 -17.64 -0.43
CA GLU A 94 16.96 -18.56 -1.15
C GLU A 94 16.28 -19.23 -2.34
N SER A 95 15.05 -18.80 -2.64
CA SER A 95 14.23 -19.46 -3.66
C SER A 95 14.88 -19.41 -5.05
N ALA A 96 15.72 -18.40 -5.29
CA ALA A 96 16.38 -18.29 -6.60
C ALA A 96 17.90 -18.22 -6.49
N GLY A 97 18.44 -18.62 -5.34
CA GLY A 97 19.88 -18.66 -5.18
C GLY A 97 20.40 -17.26 -4.94
N PRO A 98 21.68 -17.04 -5.24
CA PRO A 98 22.29 -15.72 -4.97
C PRO A 98 21.57 -14.58 -5.67
N ARG A 99 21.41 -13.46 -4.95
CA ARG A 99 20.72 -12.28 -5.52
C ARG A 99 21.61 -11.02 -5.40
N PRO A 100 21.30 -9.97 -6.20
CA PRO A 100 22.07 -8.71 -6.19
C PRO A 100 22.00 -8.03 -4.83
N VAL A 101 22.83 -7.03 -4.62
CA VAL A 101 22.74 -6.21 -3.40
C VAL A 101 22.65 -4.76 -3.83
N ILE A 102 21.77 -4.02 -3.15
CA ILE A 102 21.67 -2.57 -3.37
C ILE A 102 22.20 -1.93 -2.11
N TYR A 103 23.19 -1.05 -2.23
CA TYR A 103 23.66 -0.23 -1.12
C TYR A 103 22.80 1.04 -1.17
N LEU A 104 21.96 1.23 -0.17
CA LEU A 104 21.02 2.35 -0.18
C LEU A 104 21.37 3.32 0.91
N LEU A 105 21.72 4.55 0.53
CA LEU A 105 22.16 5.53 1.51
C LEU A 105 21.04 6.48 1.94
N ASN A 106 21.01 6.77 3.24
CA ASN A 106 20.20 7.84 3.78
C ASN A 106 20.72 9.20 3.31
N GLY A 107 19.91 10.24 3.49
CA GLY A 107 20.38 11.59 3.27
C GLY A 107 21.15 12.10 4.48
N GLY A 108 21.17 13.42 4.67
CA GLY A 108 21.98 14.05 5.73
C GLY A 108 21.75 13.46 7.11
N ASP A 109 20.54 13.01 7.40
CA ASP A 109 20.24 12.36 8.67
C ASP A 109 21.20 11.21 8.97
N GLY A 110 21.62 10.52 7.91
CA GLY A 110 22.60 9.43 8.06
C GLY A 110 22.03 8.16 8.67
N GLY A 111 20.76 8.16 9.01
CA GLY A 111 20.19 7.06 9.79
C GLY A 111 20.35 7.31 11.29
N GLU A 112 20.93 8.45 11.63
CA GLU A 112 21.21 8.77 13.05
C GLU A 112 20.09 9.57 13.77
N GLY A 113 19.09 10.01 13.04
CA GLY A 113 17.94 10.69 13.61
C GLY A 113 16.65 10.02 13.16
N ALA A 114 15.59 10.80 12.98
CA ALA A 114 14.30 10.23 12.58
C ALA A 114 14.05 10.28 11.07
N ALA A 115 14.78 11.12 10.35
CA ALA A 115 14.45 11.37 8.96
C ALA A 115 15.22 10.44 8.02
N ASN A 116 14.83 9.18 7.96
CA ASN A 116 15.60 8.20 7.19
C ASN A 116 14.72 7.12 6.60
N TRP A 117 15.27 6.34 5.68
CA TRP A 117 14.43 5.35 4.96
C TRP A 117 13.64 4.39 5.87
N VAL A 118 14.31 3.88 6.91
CA VAL A 118 13.73 2.85 7.77
C VAL A 118 12.60 3.42 8.61
N MET A 119 12.77 4.65 9.04
CA MET A 119 11.78 5.18 9.96
C MET A 119 10.65 5.93 9.29
N GLN A 120 10.80 6.24 8.00
CA GLN A 120 9.80 7.09 7.32
C GLN A 120 9.16 6.50 6.05
N THR A 121 9.59 5.31 5.63
CA THR A 121 9.06 4.69 4.41
C THR A 121 8.83 3.20 4.60
N ASP A 122 8.25 2.57 3.58
CA ASP A 122 8.01 1.15 3.60
C ASP A 122 9.14 0.39 2.90
N VAL A 123 10.32 0.98 2.92
CA VAL A 123 11.51 0.35 2.31
C VAL A 123 11.69 -1.16 2.62
N LEU A 124 11.44 -1.56 3.87
CA LEU A 124 11.62 -2.96 4.23
C LEU A 124 10.64 -3.85 3.45
N ASP A 125 9.36 -3.50 3.50
CA ASP A 125 8.36 -4.30 2.83
C ASP A 125 8.55 -4.33 1.32
N PHE A 126 8.83 -3.16 0.75
CA PHE A 126 9.03 -3.05 -0.69
C PHE A 126 10.10 -3.99 -1.24
N TYR A 127 11.27 -3.96 -0.62
CA TYR A 127 12.38 -4.78 -1.11
C TYR A 127 12.31 -6.25 -0.67
N LEU A 128 11.72 -6.55 0.48
CA LEU A 128 11.52 -7.95 0.88
C LEU A 128 10.79 -8.64 -0.25
N GLU A 129 9.76 -7.98 -0.75
CA GLU A 129 8.96 -8.55 -1.84
C GLU A 129 9.74 -8.76 -3.16
N LYS A 130 10.71 -7.89 -3.42
CA LYS A 130 11.48 -7.95 -4.67
C LYS A 130 12.54 -9.04 -4.67
N ASN A 131 12.79 -9.62 -3.49
CA ASN A 131 13.83 -10.65 -3.31
C ASN A 131 15.20 -10.15 -3.76
N VAL A 132 15.71 -9.15 -3.06
CA VAL A 132 17.02 -8.60 -3.39
C VAL A 132 17.64 -8.22 -2.06
N ASN A 133 18.95 -8.27 -1.94
CA ASN A 133 19.63 -7.80 -0.73
C ASN A 133 19.74 -6.28 -0.75
N VAL A 134 19.50 -5.67 0.39
CA VAL A 134 19.58 -4.20 0.51
C VAL A 134 20.35 -3.89 1.79
N VAL A 135 21.32 -3.00 1.68
CA VAL A 135 22.16 -2.66 2.82
C VAL A 135 22.03 -1.17 3.09
N ILE A 136 21.54 -0.80 4.27
CA ILE A 136 21.31 0.61 4.59
C ILE A 136 22.14 0.99 5.82
N PRO A 137 23.26 1.69 5.61
CA PRO A 137 24.07 2.10 6.77
C PRO A 137 23.27 3.09 7.63
N MET A 138 23.34 2.98 8.96
CA MET A 138 22.56 3.87 9.81
C MET A 138 23.44 4.79 10.64
N GLU A 139 24.68 4.99 10.18
CA GLU A 139 25.45 6.15 10.62
C GLU A 139 26.04 6.84 9.41
N GLY A 140 26.56 8.06 9.63
CA GLY A 140 27.18 8.84 8.56
C GLY A 140 26.47 10.17 8.32
N LYS A 141 25.84 10.69 9.37
CA LYS A 141 25.11 11.95 9.22
C LYS A 141 26.01 13.04 8.68
N PHE A 142 25.46 13.87 7.80
CA PHE A 142 26.16 15.03 7.23
C PHE A 142 27.55 14.75 6.69
N SER A 143 27.77 13.56 6.12
CA SER A 143 29.13 13.15 5.77
C SER A 143 29.37 13.11 4.24
N TYR A 144 28.31 13.25 3.46
CA TYR A 144 28.36 12.95 2.02
C TYR A 144 28.92 11.56 1.70
N TYR A 145 28.99 10.72 2.73
CA TYR A 145 29.53 9.37 2.61
C TYR A 145 30.83 9.34 1.83
N THR A 146 31.73 10.25 2.17
CA THR A 146 33.00 10.41 1.43
C THR A 146 34.17 10.26 2.38
N ASP A 147 35.38 10.31 1.84
CA ASP A 147 36.60 10.34 2.64
C ASP A 147 36.99 11.80 2.89
N TRP A 148 37.01 12.20 4.16
CA TRP A 148 37.23 13.60 4.51
C TRP A 148 38.71 13.94 4.63
N VAL A 149 39.10 15.14 4.20
CA VAL A 149 40.49 15.58 4.36
C VAL A 149 40.87 15.79 5.84
N GLU A 150 39.92 16.31 6.63
CA GLU A 150 40.16 16.60 8.05
C GLU A 150 39.23 15.81 8.96
N GLU A 151 39.67 15.57 10.20
CA GLU A 151 38.79 15.00 11.21
C GLU A 151 37.84 16.06 11.74
N ASN A 152 36.68 15.63 12.23
CA ASN A 152 35.72 16.54 12.84
C ASN A 152 35.06 15.82 13.99
N ALA A 153 35.28 16.29 15.21
CA ALA A 153 34.84 15.54 16.37
C ALA A 153 33.34 15.51 16.50
N SER A 154 32.65 16.51 15.95
CA SER A 154 31.21 16.52 16.00
C SER A 154 30.58 15.42 15.13
N LEU A 155 31.37 14.89 14.21
CA LEU A 155 30.86 13.82 13.35
C LEU A 155 31.61 12.54 13.65
N GLY A 156 32.22 12.48 14.83
CA GLY A 156 32.87 11.25 15.29
C GLY A 156 34.34 11.08 14.97
N GLY A 157 34.98 12.13 14.46
CA GLY A 157 36.42 12.10 14.22
C GLY A 157 36.80 11.86 12.77
N LYS A 158 37.43 10.73 12.51
CA LYS A 158 37.93 10.45 11.18
C LYS A 158 36.78 9.91 10.34
N GLN A 159 36.61 10.46 9.15
CA GLN A 159 35.52 10.00 8.31
C GLN A 159 36.09 9.49 7.00
N MET A 160 35.86 8.21 6.74
CA MET A 160 36.42 7.56 5.57
C MET A 160 35.34 6.64 5.03
N TRP A 161 34.23 7.24 4.64
CA TRP A 161 33.02 6.51 4.28
C TRP A 161 33.13 5.89 2.90
N GLU A 162 33.93 6.52 2.04
CA GLU A 162 34.10 5.95 0.71
C GLU A 162 34.98 4.70 0.81
N THR A 163 36.06 4.81 1.55
CA THR A 163 36.90 3.64 1.83
C THR A 163 36.07 2.52 2.47
N PHE A 164 35.23 2.87 3.45
CA PHE A 164 34.40 1.88 4.09
C PHE A 164 33.42 1.25 3.12
N LEU A 165 32.61 2.07 2.44
CA LEU A 165 31.52 1.50 1.65
C LEU A 165 32.01 0.80 0.40
N VAL A 166 33.12 1.25 -0.16
CA VAL A 166 33.59 0.69 -1.42
C VAL A 166 34.63 -0.39 -1.21
N LYS A 167 35.52 -0.17 -0.25
CA LYS A 167 36.67 -1.06 -0.05
C LYS A 167 36.62 -1.97 1.17
N GLU A 168 36.17 -1.48 2.32
CA GLU A 168 36.20 -2.31 3.53
C GLU A 168 35.03 -3.27 3.60
N LEU A 169 33.86 -2.81 3.16
CA LEU A 169 32.61 -3.52 3.47
C LEU A 169 32.18 -4.60 2.45
N PRO A 170 32.29 -4.31 1.12
CA PRO A 170 31.61 -5.24 0.22
C PRO A 170 32.16 -6.65 0.20
N GLY A 171 33.46 -6.84 0.34
CA GLY A 171 33.99 -8.21 0.34
C GLY A 171 33.37 -9.13 1.39
N PRO A 172 33.56 -8.79 2.67
CA PRO A 172 33.01 -9.62 3.75
C PRO A 172 31.49 -9.59 3.74
N LEU A 173 30.87 -8.47 3.40
CA LEU A 173 29.41 -8.43 3.51
C LEU A 173 28.75 -9.23 2.40
N GLU A 174 29.25 -9.12 1.17
CA GLU A 174 28.58 -9.80 0.08
C GLU A 174 28.83 -11.32 0.19
N GLU A 175 29.95 -11.69 0.78
CA GLU A 175 30.19 -13.08 1.12
C GLU A 175 29.16 -13.60 2.13
N LYS A 176 28.94 -12.85 3.21
CA LYS A 176 27.97 -13.21 4.25
C LYS A 176 26.54 -13.31 3.68
N LEU A 177 26.22 -12.47 2.71
CA LEU A 177 24.87 -12.43 2.14
C LEU A 177 24.73 -13.37 0.98
N ASN A 178 25.83 -13.99 0.57
CA ASN A 178 25.80 -14.90 -0.58
C ASN A 178 25.21 -14.23 -1.82
N THR A 179 25.66 -13.00 -2.12
CA THR A 179 25.17 -12.30 -3.32
C THR A 179 25.62 -12.92 -4.64
N ASP A 180 24.96 -12.53 -5.71
CA ASP A 180 25.25 -13.10 -7.03
C ASP A 180 26.34 -12.32 -7.74
N GLY A 181 26.93 -11.39 -7.03
CA GLY A 181 27.99 -10.62 -7.63
C GLY A 181 27.52 -9.38 -8.38
N GLN A 182 26.20 -9.11 -8.39
CA GLN A 182 25.71 -7.87 -8.97
C GLN A 182 25.45 -6.84 -7.87
N ARG A 183 25.60 -5.55 -8.16
CA ARG A 183 25.41 -4.58 -7.08
C ARG A 183 25.00 -3.24 -7.64
N ALA A 184 24.34 -2.42 -6.81
CA ALA A 184 23.94 -1.07 -7.21
C ALA A 184 24.15 -0.17 -6.02
N ILE A 185 24.27 1.13 -6.29
CA ILE A 185 24.40 2.17 -5.25
C ILE A 185 23.27 3.16 -5.43
N ALA A 186 22.63 3.56 -4.32
CA ALA A 186 21.52 4.51 -4.43
C ALA A 186 21.64 5.48 -3.28
N GLY A 187 21.29 6.75 -3.51
CA GLY A 187 21.32 7.73 -2.42
C GLY A 187 20.26 8.78 -2.63
N MET A 188 19.90 9.50 -1.56
CA MET A 188 18.91 10.58 -1.69
C MET A 188 19.48 11.86 -1.13
N SER A 189 19.15 12.98 -1.76
CA SER A 189 19.44 14.28 -1.19
C SER A 189 20.97 14.41 -1.07
N MET A 190 21.51 14.63 0.11
CA MET A 190 22.97 14.60 0.25
C MET A 190 23.70 13.43 -0.49
N SER A 191 23.26 12.22 -0.21
CA SER A 191 23.93 11.01 -0.77
C SER A 191 23.54 10.72 -2.21
N ALA A 192 22.66 11.52 -2.81
CA ALA A 192 22.44 11.47 -4.26
C ALA A 192 23.62 12.08 -5.05
N THR A 193 24.53 12.77 -4.34
CA THR A 193 25.85 13.10 -4.90
C THR A 193 26.75 11.89 -4.86
N THR A 194 26.80 11.25 -3.68
CA THR A 194 27.59 10.03 -3.44
C THR A 194 27.34 8.93 -4.47
N SER A 195 26.07 8.71 -4.77
CA SER A 195 25.69 7.61 -5.67
C SER A 195 26.10 7.86 -7.13
N LEU A 196 26.44 9.12 -7.47
CA LEU A 196 27.04 9.37 -8.79
C LEU A 196 28.56 9.31 -8.72
N LEU A 197 29.14 9.76 -7.60
CA LEU A 197 30.59 9.79 -7.48
C LEU A 197 31.20 8.39 -7.38
N PHE A 198 30.57 7.49 -6.61
CA PHE A 198 31.13 6.15 -6.43
C PHE A 198 31.36 5.43 -7.79
N PRO A 199 30.35 5.39 -8.70
CA PRO A 199 30.61 4.65 -9.94
C PRO A 199 31.60 5.37 -10.86
N GLN A 200 31.78 6.67 -10.68
CA GLN A 200 32.77 7.41 -11.46
C GLN A 200 34.15 7.08 -10.94
N HIS A 201 34.26 6.90 -9.63
CA HIS A 201 35.55 6.64 -9.02
C HIS A 201 35.95 5.18 -9.24
N PHE A 202 34.97 4.30 -9.41
CA PHE A 202 35.25 2.85 -9.57
C PHE A 202 34.40 2.28 -10.66
N PRO A 203 34.72 2.64 -11.89
CA PRO A 203 33.85 2.27 -13.02
C PRO A 203 33.72 0.77 -13.12
N GLY A 204 32.51 0.30 -13.39
CA GLY A 204 32.29 -1.14 -13.46
C GLY A 204 31.99 -1.87 -12.17
N PHE A 205 32.26 -1.27 -11.00
CA PHE A 205 32.01 -1.94 -9.74
C PHE A 205 30.52 -2.05 -9.50
N TYR A 206 29.78 -1.00 -9.90
CA TYR A 206 28.32 -0.94 -9.78
C TYR A 206 27.61 -1.17 -11.12
N ASP A 207 26.67 -2.12 -11.12
CA ASP A 207 25.82 -2.33 -12.28
C ASP A 207 24.88 -1.15 -12.52
N ALA A 208 24.45 -0.50 -11.43
CA ALA A 208 23.46 0.57 -11.54
C ALA A 208 23.71 1.57 -10.45
N ALA A 209 23.27 2.80 -10.71
CA ALA A 209 23.35 3.87 -9.71
C ALA A 209 22.07 4.71 -9.77
N ALA A 210 21.52 5.03 -8.60
CA ALA A 210 20.33 5.85 -8.54
C ALA A 210 20.64 7.08 -7.71
N SER A 211 20.28 8.23 -8.25
CA SER A 211 20.55 9.52 -7.61
C SER A 211 19.20 10.16 -7.38
N PHE A 212 18.68 10.09 -6.15
CA PHE A 212 17.36 10.65 -5.86
C PHE A 212 17.50 12.10 -5.37
N SER A 213 17.19 13.06 -6.25
CA SER A 213 17.15 14.49 -5.89
CA SER A 213 17.16 14.48 -5.91
C SER A 213 18.43 15.03 -5.26
N GLY A 214 19.54 14.93 -5.95
CA GLY A 214 20.77 15.50 -5.43
C GLY A 214 21.40 16.44 -6.42
N CYS A 215 22.56 16.99 -6.04
CA CYS A 215 23.32 17.79 -6.97
C CYS A 215 24.58 17.04 -7.38
N ALA A 216 24.75 16.77 -8.67
CA ALA A 216 25.99 16.16 -9.14
C ALA A 216 27.17 17.10 -9.00
N ALA A 217 26.99 18.37 -9.34
CA ALA A 217 28.05 19.37 -9.24
C ALA A 217 28.33 19.61 -7.76
N THR A 218 29.59 19.91 -7.46
CA THR A 218 29.93 20.24 -6.09
C THR A 218 30.98 21.34 -5.98
N SER A 219 31.57 21.75 -7.11
CA SER A 219 32.72 22.68 -7.04
C SER A 219 32.45 24.11 -7.50
N SER A 220 31.31 24.31 -8.15
CA SER A 220 30.93 25.65 -8.59
C SER A 220 30.24 26.35 -7.43
N LEU A 221 29.88 27.63 -7.60
CA LEU A 221 29.52 28.45 -6.45
C LEU A 221 28.26 28.00 -5.74
N LEU A 222 27.19 27.78 -6.49
CA LEU A 222 25.96 27.35 -5.85
C LEU A 222 26.08 25.92 -5.31
N PRO A 223 26.57 24.98 -6.12
CA PRO A 223 26.70 23.62 -5.54
C PRO A 223 27.60 23.55 -4.30
N TRP A 224 28.63 24.39 -4.22
CA TRP A 224 29.48 24.42 -3.01
C TRP A 224 28.65 24.94 -1.83
N GLU A 225 27.78 25.91 -2.09
CA GLU A 225 26.88 26.43 -1.04
C GLU A 225 25.94 25.33 -0.54
N TYR A 226 25.49 24.43 -1.44
CA TYR A 226 24.68 23.31 -0.95
C TYR A 226 25.47 22.45 0.02
N LEU A 227 26.75 22.24 -0.26
CA LEU A 227 27.59 21.45 0.67
C LEU A 227 27.66 22.18 2.00
N LYS A 228 27.82 23.50 1.94
CA LYS A 228 27.94 24.30 3.18
C LYS A 228 26.71 24.18 4.04
N LEU A 229 25.56 24.30 3.41
CA LEU A 229 24.27 24.25 4.10
C LEU A 229 24.02 22.91 4.75
N THR A 230 24.37 21.82 4.05
CA THR A 230 24.24 20.50 4.60
C THR A 230 25.20 20.27 5.76
N LEU A 231 26.46 20.62 5.55
CA LEU A 231 27.50 20.33 6.53
C LEU A 231 27.32 21.18 7.77
N ASP A 232 26.72 22.35 7.63
CA ASP A 232 26.50 23.21 8.78
CA ASP A 232 26.50 23.22 8.78
C ASP A 232 25.64 22.52 9.85
N ARG A 233 24.75 21.65 9.43
CA ARG A 233 23.93 20.90 10.36
C ARG A 233 24.72 19.86 11.15
N GLY A 234 25.90 19.53 10.65
CA GLY A 234 26.76 18.62 11.38
C GLY A 234 27.96 19.33 12.00
N ASN A 235 27.88 20.65 12.11
CA ASN A 235 28.95 21.47 12.68
C ASN A 235 30.24 21.29 11.88
N ALA A 236 30.12 21.31 10.56
CA ALA A 236 31.28 21.04 9.72
C ALA A 236 31.33 22.05 8.57
N THR A 237 32.42 22.05 7.82
CA THR A 237 32.53 22.92 6.63
C THR A 237 33.02 22.08 5.47
N PRO A 238 32.70 22.50 4.24
CA PRO A 238 33.15 21.68 3.11
C PRO A 238 34.67 21.63 2.88
N GLU A 239 35.43 22.63 3.34
CA GLU A 239 36.90 22.56 3.29
C GLU A 239 37.42 21.38 4.12
N GLN A 240 36.77 21.09 5.25
CA GLN A 240 37.17 19.95 6.10
C GLN A 240 36.99 18.65 5.34
N MET A 241 35.95 18.62 4.52
CA MET A 241 35.57 17.41 3.76
C MET A 241 36.43 17.20 2.49
N TRP A 242 36.41 18.18 1.57
CA TRP A 242 37.06 18.02 0.27
C TRP A 242 38.17 19.03 -0.05
N GLY A 243 38.57 19.82 0.93
CA GLY A 243 39.65 20.75 0.69
C GLY A 243 39.10 22.03 0.07
N PRO A 244 40.00 22.88 -0.46
CA PRO A 244 39.62 24.20 -0.97
C PRO A 244 38.67 24.02 -2.12
N ARG A 245 37.67 24.89 -2.21
CA ARG A 245 36.78 24.85 -3.36
C ARG A 245 37.54 24.97 -4.66
N GLY A 246 37.27 24.08 -5.61
CA GLY A 246 37.98 24.14 -6.88
C GLY A 246 39.31 23.44 -6.89
N GLY A 247 39.74 22.94 -5.73
CA GLY A 247 41.00 22.25 -5.66
C GLY A 247 40.86 20.87 -6.26
N GLU A 248 41.98 20.18 -6.42
CA GLU A 248 41.98 18.92 -7.11
C GLU A 248 41.06 17.85 -6.48
N TYR A 249 41.04 17.77 -5.13
CA TYR A 249 40.19 16.77 -4.49
C TYR A 249 38.68 17.11 -4.63
N ASN A 250 38.34 18.39 -4.60
CA ASN A 250 36.95 18.84 -4.80
C ASN A 250 36.48 18.48 -6.20
N ILE A 251 37.32 18.74 -7.21
CA ILE A 251 36.98 18.38 -8.60
C ILE A 251 36.82 16.86 -8.78
N TYR A 252 37.70 16.08 -8.19
CA TYR A 252 37.55 14.62 -8.19
C TYR A 252 36.20 14.19 -7.65
N ASN A 253 35.67 15.00 -6.73
CA ASN A 253 34.37 14.77 -6.11
C ASN A 253 33.30 15.71 -6.64
N ASP A 254 33.46 16.12 -7.90
CA ASP A 254 32.40 16.84 -8.60
C ASP A 254 31.87 15.89 -9.69
N ALA A 255 30.63 15.45 -9.53
CA ALA A 255 30.06 14.38 -10.36
C ALA A 255 29.51 14.93 -11.67
N LEU A 256 29.33 16.24 -11.74
CA LEU A 256 29.02 16.86 -13.05
C LEU A 256 30.26 16.91 -13.94
N ILE A 257 31.35 17.49 -13.42
CA ILE A 257 32.55 17.57 -14.23
C ILE A 257 32.98 16.20 -14.73
N ASN A 258 32.92 15.19 -13.86
CA ASN A 258 33.33 13.84 -14.25
C ASN A 258 32.24 12.90 -14.77
N SER A 259 31.14 13.48 -15.25
CA SER A 259 29.97 12.72 -15.61
C SER A 259 30.22 11.69 -16.69
N ASP A 260 31.17 11.93 -17.58
CA ASP A 260 31.42 10.94 -18.65
C ASP A 260 31.87 9.58 -18.09
N LYS A 261 32.42 9.58 -16.89
CA LYS A 261 32.89 8.35 -16.28
C LYS A 261 31.73 7.43 -15.85
N LEU A 262 30.50 7.92 -15.92
CA LEU A 262 29.31 7.10 -15.66
C LEU A 262 29.05 6.09 -16.77
N ARG A 263 29.63 6.33 -17.95
CA ARG A 263 29.31 5.47 -19.11
C ARG A 263 29.45 3.97 -18.77
N GLY A 264 28.42 3.20 -19.11
CA GLY A 264 28.37 1.79 -18.76
C GLY A 264 27.53 1.43 -17.54
N THR A 265 27.16 2.44 -16.75
CA THR A 265 26.39 2.20 -15.54
C THR A 265 24.94 2.45 -15.87
N GLU A 266 24.04 1.56 -15.46
CA GLU A 266 22.62 1.90 -15.67
C GLU A 266 22.28 3.00 -14.65
N LEU A 267 21.50 3.99 -15.08
CA LEU A 267 21.28 5.18 -14.21
C LEU A 267 19.82 5.50 -13.98
N TYR A 268 19.49 5.95 -12.77
CA TYR A 268 18.20 6.53 -12.50
C TYR A 268 18.46 7.87 -11.82
N VAL A 269 17.84 8.93 -12.33
CA VAL A 269 18.02 10.27 -11.74
C VAL A 269 16.69 10.97 -11.56
N SER A 270 16.41 11.46 -10.36
CA SER A 270 15.20 12.26 -10.14
C SER A 270 15.60 13.70 -9.85
N ASN A 271 14.70 14.64 -10.12
CA ASN A 271 15.12 16.03 -10.14
CA ASN A 271 15.01 16.08 -10.11
C ASN A 271 15.45 16.55 -8.74
N ALA A 272 16.37 17.51 -8.69
CA ALA A 272 17.02 17.94 -7.46
C ALA A 272 16.24 18.83 -6.51
N SER A 273 14.97 19.10 -6.78
CA SER A 273 14.26 20.04 -5.90
C SER A 273 14.15 19.50 -4.46
N GLY A 274 14.03 18.19 -4.29
CA GLY A 274 13.99 17.60 -2.95
C GLY A 274 15.22 17.85 -2.07
N LEU A 275 16.32 18.24 -2.69
CA LEU A 275 17.59 18.41 -1.95
C LEU A 275 17.42 19.47 -0.86
N ALA A 276 16.57 20.48 -1.09
CA ALA A 276 16.41 21.55 -0.09
C ALA A 276 15.85 21.06 1.24
N GLY A 277 15.27 19.85 1.24
CA GLY A 277 14.77 19.26 2.48
C GLY A 277 15.85 19.05 3.54
N GLU A 278 17.12 19.05 3.11
CA GLU A 278 18.23 18.89 4.04
C GLU A 278 18.38 20.08 4.98
N TRP A 279 17.86 21.23 4.55
CA TRP A 279 18.11 22.50 5.23
C TRP A 279 16.85 22.98 5.89
N GLU A 280 15.78 22.20 5.67
CA GLU A 280 14.51 22.20 6.42
C GLU A 280 13.36 22.91 5.71
N THR A 305 12.27 32.51 -3.19
CA THR A 305 12.76 32.07 -1.87
C THR A 305 12.90 30.52 -1.79
N GLY A 306 11.85 29.82 -1.36
CA GLY A 306 11.80 28.41 -1.68
C GLY A 306 11.71 28.37 -3.20
N GLY A 307 11.17 29.48 -3.75
CA GLY A 307 11.14 29.75 -5.17
C GLY A 307 12.55 29.83 -5.71
N ILE A 308 13.40 30.68 -5.12
CA ILE A 308 14.79 30.76 -5.55
C ILE A 308 15.54 29.47 -5.23
N ILE A 309 15.21 28.85 -4.11
CA ILE A 309 15.94 27.64 -3.74
C ILE A 309 15.63 26.52 -4.75
N GLU A 310 14.36 26.37 -5.07
CA GLU A 310 13.96 25.38 -6.07
C GLU A 310 14.60 25.66 -7.41
N ALA A 311 14.60 26.92 -7.84
CA ALA A 311 15.19 27.27 -9.14
C ALA A 311 16.68 26.99 -9.19
N ALA A 312 17.37 27.27 -8.09
CA ALA A 312 18.79 27.04 -7.98
C ALA A 312 19.12 25.55 -8.01
N THR A 313 18.45 24.77 -7.17
CA THR A 313 18.75 23.34 -7.10
C THR A 313 18.32 22.64 -8.40
N ASN A 314 17.25 23.13 -9.04
CA ASN A 314 16.85 22.57 -10.33
C ASN A 314 17.97 22.61 -11.39
N LYS A 315 18.84 23.61 -11.31
CA LYS A 315 19.90 23.71 -12.31
C LYS A 315 20.80 22.48 -12.22
N CYS A 316 20.91 21.89 -11.03
CA CYS A 316 21.78 20.72 -10.89
C CYS A 316 21.38 19.65 -11.88
N THR A 317 20.07 19.43 -11.96
CA THR A 317 19.55 18.33 -12.75
C THR A 317 19.59 18.74 -14.20
N HIS A 318 19.27 20.01 -14.45
CA HIS A 318 19.36 20.50 -15.83
C HIS A 318 20.77 20.29 -16.40
N ASP A 319 21.78 20.72 -15.65
CA ASP A 319 23.16 20.58 -16.11
C ASP A 319 23.57 19.13 -16.31
N LEU A 320 23.15 18.24 -15.42
CA LEU A 320 23.58 16.86 -15.53
C LEU A 320 22.95 16.20 -16.77
N LYS A 321 21.66 16.43 -16.97
CA LYS A 321 20.99 15.80 -18.10
C LYS A 321 21.57 16.30 -19.42
N ALA A 322 21.84 17.61 -19.48
CA ALA A 322 22.39 18.15 -20.74
C ALA A 322 23.75 17.52 -21.01
N LYS A 323 24.54 17.35 -19.95
CA LYS A 323 25.88 16.79 -20.07
C LYS A 323 25.86 15.30 -20.39
N LEU A 324 24.96 14.53 -19.77
CA LEU A 324 24.84 13.11 -20.12
C LEU A 324 24.27 12.95 -21.52
N ASP A 325 23.34 13.82 -21.89
CA ASP A 325 22.70 13.69 -23.18
C ASP A 325 23.76 13.92 -24.24
N SER A 326 24.59 14.95 -24.02
CA SER A 326 25.62 15.31 -25.02
C SER A 326 26.61 14.19 -25.23
N ALA A 327 26.90 13.44 -24.18
CA ALA A 327 27.83 12.35 -24.20
C ALA A 327 27.21 11.03 -24.61
N GLY A 328 25.89 11.00 -24.83
CA GLY A 328 25.26 9.76 -25.25
C GLY A 328 25.19 8.71 -24.14
N ILE A 329 25.03 9.19 -22.90
CA ILE A 329 24.93 8.31 -21.74
C ILE A 329 23.50 8.34 -21.23
N PRO A 330 22.76 7.23 -21.38
CA PRO A 330 21.33 7.26 -21.07
C PRO A 330 21.06 7.07 -19.59
N ALA A 331 19.91 7.60 -19.15
CA ALA A 331 19.44 7.41 -17.79
C ALA A 331 17.94 7.31 -17.81
N ASP A 332 17.39 6.68 -16.77
CA ASP A 332 15.96 6.75 -16.49
C ASP A 332 15.71 8.01 -15.69
N TRP A 333 14.75 8.84 -16.12
CA TRP A 333 14.54 10.16 -15.55
C TRP A 333 13.21 10.30 -14.80
N ASN A 334 13.27 10.92 -13.63
CA ASN A 334 12.04 11.24 -12.92
C ASN A 334 11.98 12.74 -12.78
N LEU A 335 11.25 13.39 -13.67
CA LEU A 335 11.39 14.84 -13.78
C LEU A 335 10.08 15.60 -13.56
N ARG A 336 8.95 14.89 -13.49
CA ARG A 336 7.63 15.55 -13.36
C ARG A 336 7.56 16.19 -11.97
N PRO A 337 7.28 17.50 -11.91
CA PRO A 337 7.21 18.21 -10.62
C PRO A 337 6.00 17.72 -9.84
N THR A 338 6.12 17.67 -8.51
CA THR A 338 4.99 17.33 -7.66
C THR A 338 4.81 18.44 -6.62
N GLY A 339 3.69 18.39 -5.92
CA GLY A 339 3.39 19.34 -4.85
C GLY A 339 4.33 19.21 -3.65
N THR A 340 4.81 18.00 -3.38
CA THR A 340 5.72 17.79 -2.24
C THR A 340 6.96 16.96 -2.57
N HIS A 341 7.99 17.12 -1.76
CA HIS A 341 9.12 16.20 -1.77
C HIS A 341 9.29 15.59 -0.39
N SER A 342 8.13 15.19 0.13
CA SER A 342 7.95 14.45 1.36
C SER A 342 8.53 13.04 1.27
N TRP A 343 8.30 12.27 2.33
CA TRP A 343 8.70 10.88 2.30
C TRP A 343 7.93 10.08 1.27
N GLY A 344 6.75 10.58 0.89
CA GLY A 344 6.00 9.91 -0.15
C GLY A 344 6.74 9.98 -1.47
N TRP A 345 7.41 11.12 -1.70
CA TRP A 345 8.19 11.29 -2.92
C TRP A 345 9.46 10.42 -2.92
N TRP A 346 10.14 10.34 -1.78
CA TRP A 346 11.33 9.49 -1.70
C TRP A 346 10.95 8.03 -1.88
N GLN A 347 9.87 7.63 -1.25
CA GLN A 347 9.38 6.28 -1.35
C GLN A 347 9.05 5.94 -2.79
N ASP A 348 8.51 6.91 -3.52
CA ASP A 348 8.16 6.72 -4.90
C ASP A 348 9.41 6.50 -5.77
N ASP A 349 10.53 7.14 -5.39
CA ASP A 349 11.80 6.89 -6.10
C ASP A 349 12.29 5.45 -5.93
N LEU A 350 11.92 4.79 -4.83
CA LEU A 350 12.26 3.39 -4.72
C LEU A 350 11.51 2.65 -5.81
N ARG A 351 10.27 3.06 -6.11
CA ARG A 351 9.52 2.35 -7.20
C ARG A 351 10.12 2.69 -8.54
N GLY A 352 10.36 3.98 -8.77
CA GLY A 352 10.84 4.43 -10.07
C GLY A 352 12.16 3.78 -10.43
N SER A 353 13.08 3.75 -9.47
CA SER A 353 14.38 3.17 -9.68
C SER A 353 14.37 1.63 -9.83
N TRP A 354 13.24 0.99 -9.51
CA TRP A 354 13.19 -0.45 -9.70
C TRP A 354 13.27 -0.80 -11.18
N THR A 355 12.79 0.09 -12.04
CA THR A 355 12.92 -0.10 -13.48
C THR A 355 14.39 -0.28 -13.82
N THR A 356 15.22 0.64 -13.32
CA THR A 356 16.65 0.61 -13.60
C THR A 356 17.33 -0.62 -13.02
N PHE A 357 17.04 -0.93 -11.76
CA PHE A 357 17.64 -2.08 -11.10
C PHE A 357 17.21 -3.39 -11.71
N ALA A 358 15.91 -3.56 -11.99
CA ALA A 358 15.45 -4.82 -12.60
C ALA A 358 16.15 -5.06 -13.94
N ARG A 359 16.28 -3.98 -14.74
CA ARG A 359 17.00 -4.06 -16.01
C ARG A 359 18.50 -4.35 -15.83
N ALA A 360 19.16 -3.66 -14.91
CA ALA A 360 20.60 -3.86 -14.73
C ALA A 360 20.90 -5.26 -14.21
N PHE A 361 19.98 -5.81 -13.42
CA PHE A 361 20.23 -7.06 -12.70
C PHE A 361 19.63 -8.26 -13.46
N GLU A 362 18.91 -7.97 -14.52
CA GLU A 362 18.18 -8.99 -15.30
C GLU A 362 17.24 -9.80 -14.41
N LEU A 363 16.46 -9.11 -13.59
CA LEU A 363 15.50 -9.81 -12.74
C LEU A 363 14.13 -9.88 -13.42
N GLU A 364 13.54 -11.05 -13.39
CA GLU A 364 12.17 -11.23 -13.88
C GLU A 364 11.17 -10.38 -13.11
N ALA B 30 -12.83 -31.38 -15.18
CA ALA B 30 -12.02 -30.30 -15.77
C ALA B 30 -10.68 -30.81 -16.32
N GLU B 31 -10.10 -30.04 -17.24
CA GLU B 31 -8.83 -30.44 -17.83
C GLU B 31 -7.66 -29.96 -16.97
N VAL B 32 -7.97 -29.13 -15.99
CA VAL B 32 -6.96 -28.58 -15.09
C VAL B 32 -7.01 -29.36 -13.79
N THR B 33 -5.85 -29.87 -13.34
CA THR B 33 -5.79 -30.74 -12.19
C THR B 33 -5.54 -29.91 -10.94
N PRO B 34 -5.73 -30.52 -9.75
CA PRO B 34 -5.38 -29.76 -8.56
C PRO B 34 -3.93 -29.34 -8.55
N ALA B 35 -3.02 -30.22 -8.98
CA ALA B 35 -1.61 -29.82 -9.03
C ALA B 35 -1.33 -28.64 -9.97
N ASP B 36 -2.11 -28.52 -11.04
CA ASP B 36 -1.98 -27.44 -12.02
C ASP B 36 -2.22 -26.07 -11.37
N VAL B 37 -3.14 -25.99 -10.42
CA VAL B 37 -3.38 -24.68 -9.78
C VAL B 37 -2.60 -24.50 -8.48
N ALA B 38 -2.17 -25.60 -7.87
CA ALA B 38 -1.59 -25.51 -6.51
C ALA B 38 -0.16 -24.95 -6.49
N GLY B 39 0.59 -25.13 -7.56
CA GLY B 39 1.99 -24.74 -7.57
C GLY B 39 2.76 -25.40 -6.42
N ASP B 40 3.57 -24.60 -5.76
CA ASP B 40 4.43 -25.05 -4.66
C ASP B 40 3.71 -24.91 -3.31
N THR B 41 2.38 -24.86 -3.34
CA THR B 41 1.62 -24.69 -2.10
C THR B 41 1.73 -25.93 -1.20
N ALA B 42 2.06 -25.73 0.07
CA ALA B 42 2.04 -26.82 1.04
C ALA B 42 0.60 -27.33 1.18
N LEU B 43 0.39 -28.61 0.86
CA LEU B 43 -0.97 -29.15 0.78
C LEU B 43 -1.61 -29.43 2.13
N SER B 44 -2.94 -29.49 2.13
CA SER B 44 -3.71 -29.77 3.33
C SER B 44 -3.54 -31.25 3.75
N THR B 45 -3.70 -31.54 5.05
CA THR B 45 -3.78 -32.91 5.54
C THR B 45 -5.19 -33.16 6.03
N ILE B 46 -5.82 -34.21 5.53
CA ILE B 46 -7.20 -34.48 5.90
C ILE B 46 -7.29 -35.57 6.97
N SER B 47 -8.04 -35.30 8.03
CA SER B 47 -8.24 -36.24 9.14
C SER B 47 -9.70 -36.50 9.26
N ASP B 48 -10.04 -37.60 9.93
CA ASP B 48 -11.43 -37.96 10.15
C ASP B 48 -11.95 -37.46 11.49
N SER B 49 -11.06 -37.01 12.37
CA SER B 49 -11.45 -36.62 13.72
C SER B 49 -11.24 -35.13 14.00
N ALA B 50 -12.07 -34.58 14.88
CA ALA B 50 -11.94 -33.20 15.31
C ALA B 50 -10.65 -33.02 16.11
N PRO B 51 -10.17 -31.77 16.24
CA PRO B 51 -8.96 -31.60 17.07
C PRO B 51 -9.22 -32.01 18.52
N ALA B 52 -8.21 -32.56 19.22
CA ALA B 52 -8.39 -33.14 20.57
C ALA B 52 -8.88 -32.16 21.64
N ASP B 53 -8.68 -30.88 21.40
CA ASP B 53 -9.03 -29.85 22.38
C ASP B 53 -10.33 -29.11 22.04
N GLU B 54 -11.16 -29.73 21.21
CA GLU B 54 -12.44 -29.13 20.85
C GLU B 54 -13.23 -28.86 22.13
N ALA B 55 -13.55 -27.59 22.35
CA ALA B 55 -14.31 -27.15 23.52
C ALA B 55 -15.69 -27.78 23.55
N SER B 56 -16.50 -27.46 22.54
CA SER B 56 -17.86 -28.00 22.43
C SER B 56 -18.15 -28.49 21.01
N ALA B 57 -19.16 -29.36 20.92
CA ALA B 57 -19.61 -29.88 19.63
C ALA B 57 -20.20 -28.78 18.76
N PRO B 58 -19.82 -28.76 17.47
CA PRO B 58 -20.46 -27.84 16.54
C PRO B 58 -21.95 -28.19 16.46
N ARG B 59 -22.78 -27.19 16.23
CA ARG B 59 -24.21 -27.40 16.17
C ARG B 59 -24.61 -28.36 15.09
N TRP B 60 -23.78 -28.46 14.05
CA TRP B 60 -24.12 -29.26 12.91
C TRP B 60 -23.77 -30.70 13.07
N ARG B 61 -23.03 -31.06 14.12
CA ARG B 61 -22.63 -32.46 14.25
C ARG B 61 -23.85 -33.38 14.36
N ALA B 62 -24.87 -32.94 15.10
CA ALA B 62 -26.03 -33.82 15.27
C ALA B 62 -26.73 -34.10 13.94
N HIS B 63 -26.67 -33.12 13.02
CA HIS B 63 -27.29 -33.31 11.71
C HIS B 63 -26.52 -34.32 10.90
N VAL B 64 -25.20 -34.28 10.98
CA VAL B 64 -24.37 -35.22 10.25
C VAL B 64 -24.55 -36.64 10.80
N ASN B 65 -24.59 -36.74 12.11
CA ASN B 65 -24.68 -38.04 12.80
C ASN B 65 -25.99 -38.76 12.48
N ALA B 66 -27.05 -38.00 12.26
CA ALA B 66 -28.35 -38.56 11.98
C ALA B 66 -28.58 -38.76 10.48
N ALA B 67 -27.58 -38.38 9.67
CA ALA B 67 -27.72 -38.49 8.22
C ALA B 67 -27.28 -39.87 7.71
N ASP B 68 -27.48 -40.11 6.42
CA ASP B 68 -27.02 -41.33 5.78
C ASP B 68 -25.53 -41.42 6.04
N GLU B 69 -24.97 -42.62 6.14
CA GLU B 69 -23.57 -42.72 6.52
C GLU B 69 -22.65 -42.25 5.40
N ARG B 70 -23.21 -42.04 4.22
CA ARG B 70 -22.46 -41.38 3.16
C ARG B 70 -22.10 -39.93 3.49
N VAL B 71 -22.76 -39.35 4.49
CA VAL B 71 -22.44 -37.99 4.91
C VAL B 71 -21.38 -38.07 6.03
N LYS B 72 -20.25 -37.38 5.83
CA LYS B 72 -19.12 -37.52 6.74
C LYS B 72 -18.64 -36.20 7.27
N GLU B 73 -18.22 -36.19 8.52
CA GLU B 73 -17.45 -35.06 9.05
C GLU B 73 -15.95 -35.30 8.81
N MET B 74 -15.26 -34.37 8.16
CA MET B 74 -13.80 -34.47 8.00
C MET B 74 -13.19 -33.17 8.44
N TRP B 75 -11.89 -33.18 8.70
CA TRP B 75 -11.21 -31.95 9.12
C TRP B 75 -9.99 -31.79 8.22
N ALA B 76 -9.77 -30.58 7.73
CA ALA B 76 -8.66 -30.37 6.80
C ALA B 76 -7.75 -29.31 7.38
N TYR B 77 -6.47 -29.64 7.58
CA TYR B 77 -5.54 -28.65 8.11
C TYR B 77 -5.03 -27.72 7.00
N SER B 78 -5.08 -26.42 7.24
CA SER B 78 -4.61 -25.43 6.29
C SER B 78 -3.25 -24.88 6.73
N PRO B 79 -2.17 -25.19 6.01
CA PRO B 79 -0.87 -24.68 6.49
C PRO B 79 -0.73 -23.15 6.41
N SER B 80 -1.35 -22.52 5.41
CA SER B 80 -1.20 -21.06 5.28
C SER B 80 -1.94 -20.33 6.41
N MET B 81 -3.03 -20.90 6.91
CA MET B 81 -3.77 -20.25 8.01
C MET B 81 -3.43 -20.82 9.36
N ASP B 82 -2.71 -21.94 9.36
CA ASP B 82 -2.47 -22.70 10.59
C ASP B 82 -3.78 -22.94 11.32
N ARG B 83 -4.74 -23.51 10.61
CA ARG B 83 -6.09 -23.69 11.11
C ARG B 83 -6.62 -25.07 10.72
N ASN B 84 -7.32 -25.70 11.65
CA ASN B 84 -8.06 -26.93 11.35
C ASN B 84 -9.46 -26.57 10.86
N VAL B 85 -9.75 -26.85 9.59
CA VAL B 85 -11.05 -26.45 9.02
C VAL B 85 -12.02 -27.62 8.93
N PRO B 86 -13.20 -27.48 9.58
CA PRO B 86 -14.14 -28.62 9.47
C PRO B 86 -14.91 -28.62 8.14
N LEU B 87 -15.22 -29.81 7.64
CA LEU B 87 -15.93 -30.01 6.38
C LEU B 87 -17.05 -31.01 6.58
N VAL B 88 -18.24 -30.67 6.08
CA VAL B 88 -19.32 -31.63 5.98
C VAL B 88 -19.30 -32.12 4.54
N VAL B 89 -19.12 -33.43 4.36
CA VAL B 89 -18.89 -33.96 3.02
C VAL B 89 -19.93 -35.00 2.66
N ILE B 90 -20.71 -34.72 1.62
CA ILE B 90 -21.65 -35.71 1.12
C ILE B 90 -20.88 -36.55 0.11
N THR B 91 -20.71 -37.85 0.36
CA THR B 91 -19.98 -38.68 -0.58
C THR B 91 -20.95 -39.40 -1.53
N ALA B 92 -20.51 -39.59 -2.78
CA ALA B 92 -21.27 -40.28 -3.79
C ALA B 92 -21.28 -41.76 -3.40
N ASP B 93 -22.17 -42.55 -3.98
CA ASP B 93 -22.12 -44.00 -3.70
C ASP B 93 -21.14 -44.65 -4.67
N GLU B 94 -21.14 -45.98 -4.75
CA GLU B 94 -20.23 -46.63 -5.67
C GLU B 94 -20.96 -47.32 -6.84
N SER B 95 -22.22 -46.95 -7.04
CA SER B 95 -23.05 -47.49 -8.11
C SER B 95 -22.58 -47.11 -9.51
N ALA B 96 -21.87 -45.97 -9.63
CA ALA B 96 -21.47 -45.47 -10.93
C ALA B 96 -19.99 -45.08 -11.00
N GLY B 97 -19.19 -45.57 -10.07
CA GLY B 97 -17.75 -45.30 -10.12
C GLY B 97 -17.43 -43.90 -9.59
N PRO B 98 -16.25 -43.36 -9.95
CA PRO B 98 -15.89 -42.00 -9.48
C PRO B 98 -16.88 -40.94 -9.99
N ARG B 99 -17.09 -39.90 -9.18
CA ARG B 99 -18.13 -38.93 -9.47
C ARG B 99 -17.55 -37.53 -9.24
N PRO B 100 -18.22 -36.51 -9.79
CA PRO B 100 -17.70 -35.16 -9.57
C PRO B 100 -17.80 -34.69 -8.14
N VAL B 101 -17.21 -33.53 -7.86
CA VAL B 101 -17.34 -32.91 -6.55
C VAL B 101 -17.78 -31.47 -6.74
N ILE B 102 -18.72 -31.04 -5.91
CA ILE B 102 -19.15 -29.64 -5.84
C ILE B 102 -18.63 -29.06 -4.52
N TYR B 103 -17.90 -27.94 -4.61
CA TYR B 103 -17.48 -27.22 -3.39
C TYR B 103 -18.59 -26.22 -3.15
N LEU B 104 -19.32 -26.39 -2.05
CA LEU B 104 -20.48 -25.56 -1.79
C LEU B 104 -20.24 -24.73 -0.56
N LEU B 105 -20.28 -23.42 -0.74
CA LEU B 105 -19.94 -22.51 0.34
C LEU B 105 -21.17 -21.93 1.03
N ASN B 106 -21.07 -21.80 2.36
CA ASN B 106 -22.05 -21.08 3.15
C ASN B 106 -21.94 -19.59 2.88
N GLY B 107 -22.98 -18.86 3.29
CA GLY B 107 -22.93 -17.41 3.23
C GLY B 107 -22.19 -16.88 4.45
N GLY B 108 -22.49 -15.64 4.85
CA GLY B 108 -21.72 -15.00 5.91
C GLY B 108 -21.60 -15.81 7.22
N ASP B 109 -22.65 -16.54 7.55
CA ASP B 109 -22.63 -17.45 8.70
C ASP B 109 -21.38 -18.33 8.73
N GLY B 110 -20.90 -18.74 7.55
CA GLY B 110 -19.69 -19.53 7.46
C GLY B 110 -19.84 -20.99 7.84
N GLY B 111 -21.03 -21.37 8.31
CA GLY B 111 -21.23 -22.70 8.87
C GLY B 111 -20.96 -22.71 10.37
N GLU B 112 -20.66 -21.53 10.90
CA GLU B 112 -20.23 -21.37 12.31
C GLU B 112 -21.40 -21.05 13.23
N GLY B 113 -22.55 -20.74 12.62
CA GLY B 113 -23.72 -20.36 13.40
C GLY B 113 -24.87 -21.28 13.05
N ALA B 114 -26.11 -20.78 13.13
CA ALA B 114 -27.26 -21.62 12.82
C ALA B 114 -27.77 -21.39 11.39
N ALA B 115 -27.28 -20.33 10.74
CA ALA B 115 -27.85 -19.97 9.44
C ALA B 115 -26.99 -20.46 8.26
N ASN B 116 -27.08 -21.75 7.98
CA ASN B 116 -26.27 -22.36 6.93
C ASN B 116 -26.97 -23.54 6.29
N TRP B 117 -26.40 -24.00 5.18
CA TRP B 117 -27.01 -25.06 4.41
C TRP B 117 -27.38 -26.29 5.24
N VAL B 118 -26.47 -26.77 6.07
CA VAL B 118 -26.69 -28.01 6.80
C VAL B 118 -27.80 -27.88 7.84
N MET B 119 -27.90 -26.72 8.46
CA MET B 119 -28.87 -26.59 9.51
C MET B 119 -30.25 -26.04 9.06
N GLN B 120 -30.33 -25.51 7.83
CA GLN B 120 -31.58 -24.88 7.38
C GLN B 120 -32.23 -25.44 6.11
N THR B 121 -31.57 -26.36 5.43
CA THR B 121 -32.12 -26.87 4.15
C THR B 121 -31.98 -28.37 4.07
N ASP B 122 -32.47 -28.95 2.99
CA ASP B 122 -32.38 -30.39 2.83
C ASP B 122 -31.19 -30.76 1.98
N VAL B 123 -30.14 -29.92 2.01
CA VAL B 123 -28.95 -30.16 1.19
C VAL B 123 -28.37 -31.60 1.24
N LEU B 124 -28.33 -32.21 2.43
CA LEU B 124 -27.76 -33.55 2.53
C LEU B 124 -28.58 -34.54 1.69
N ASP B 125 -29.89 -34.60 1.94
CA ASP B 125 -30.75 -35.53 1.22
C ASP B 125 -30.75 -35.26 -0.28
N PHE B 126 -30.79 -33.99 -0.64
CA PHE B 126 -30.93 -33.62 -2.05
C PHE B 126 -29.73 -34.16 -2.83
N TYR B 127 -28.54 -33.89 -2.34
CA TYR B 127 -27.38 -34.32 -3.07
C TYR B 127 -27.06 -35.80 -2.94
N LEU B 128 -27.43 -36.42 -1.81
CA LEU B 128 -27.31 -37.87 -1.69
C LEU B 128 -27.96 -38.57 -2.88
N GLU B 129 -29.17 -38.14 -3.19
CA GLU B 129 -29.94 -38.73 -4.27
C GLU B 129 -29.32 -38.48 -5.66
N LYS B 130 -28.57 -37.38 -5.84
CA LYS B 130 -27.95 -37.06 -7.14
C LYS B 130 -26.67 -37.87 -7.41
N ASN B 131 -26.15 -38.53 -6.38
CA ASN B 131 -24.88 -39.27 -6.46
C ASN B 131 -23.70 -38.39 -6.91
N VAL B 132 -23.35 -37.42 -6.08
CA VAL B 132 -22.25 -36.54 -6.42
C VAL B 132 -21.60 -36.18 -5.08
N ASN B 133 -20.30 -35.91 -5.11
CA ASN B 133 -19.59 -35.48 -3.92
C ASN B 133 -19.87 -34.01 -3.70
N VAL B 134 -20.07 -33.62 -2.43
CA VAL B 134 -20.26 -32.21 -2.07
C VAL B 134 -19.45 -31.96 -0.82
N VAL B 135 -18.71 -30.84 -0.80
CA VAL B 135 -17.83 -30.46 0.30
C VAL B 135 -18.30 -29.14 0.78
N ILE B 136 -18.74 -29.08 2.01
CA ILE B 136 -19.23 -27.84 2.59
C ILE B 136 -18.36 -27.44 3.77
N PRO B 137 -17.51 -26.41 3.59
CA PRO B 137 -16.66 -25.98 4.71
C PRO B 137 -17.54 -25.42 5.79
N MET B 138 -17.20 -25.64 7.06
CA MET B 138 -18.10 -25.19 8.13
C MET B 138 -17.42 -24.17 9.05
N GLU B 139 -16.34 -23.59 8.56
CA GLU B 139 -15.85 -22.33 9.15
C GLU B 139 -15.61 -21.35 8.01
N GLY B 140 -15.39 -20.09 8.39
CA GLY B 140 -15.14 -19.03 7.43
C GLY B 140 -16.15 -17.91 7.50
N LYS B 141 -16.78 -17.70 8.66
CA LYS B 141 -17.76 -16.62 8.78
C LYS B 141 -17.19 -15.27 8.34
N PHE B 142 -18.00 -14.52 7.58
CA PHE B 142 -17.73 -13.14 7.19
C PHE B 142 -16.36 -12.95 6.55
N SER B 143 -15.91 -13.97 5.81
CA SER B 143 -14.56 -14.00 5.24
C SER B 143 -14.51 -13.76 3.75
N TYR B 144 -15.66 -13.80 3.07
CA TYR B 144 -15.73 -13.85 1.58
C TYR B 144 -14.92 -15.01 0.99
N TYR B 145 -14.58 -15.96 1.85
CA TYR B 145 -13.72 -17.07 1.43
C TYR B 145 -12.54 -16.64 0.56
N THR B 146 -11.84 -15.58 0.99
CA THR B 146 -10.75 -15.04 0.19
C THR B 146 -9.46 -15.02 1.01
N ASP B 147 -8.36 -14.61 0.39
CA ASP B 147 -7.07 -14.44 1.10
C ASP B 147 -6.98 -12.99 1.56
N TRP B 148 -6.97 -12.76 2.87
CA TRP B 148 -6.97 -11.40 3.42
C TRP B 148 -5.58 -10.76 3.46
N VAL B 149 -5.52 -9.45 3.30
CA VAL B 149 -4.27 -8.71 3.44
C VAL B 149 -3.83 -8.69 4.92
N GLU B 150 -4.77 -8.50 5.83
CA GLU B 150 -4.44 -8.34 7.26
C GLU B 150 -5.00 -9.48 8.07
N GLU B 151 -4.43 -9.73 9.25
CA GLU B 151 -5.03 -10.69 10.16
C GLU B 151 -6.15 -10.01 10.91
N ASN B 152 -7.07 -10.79 11.44
CA ASN B 152 -8.09 -10.22 12.31
C ASN B 152 -8.42 -11.26 13.36
N ALA B 153 -8.15 -10.94 14.63
CA ALA B 153 -8.27 -11.95 15.68
C ALA B 153 -9.69 -12.38 15.92
N SER B 154 -10.64 -11.49 15.65
CA SER B 154 -12.08 -11.83 15.80
C SER B 154 -12.54 -12.91 14.83
N LEU B 155 -11.80 -13.09 13.75
CA LEU B 155 -12.10 -14.08 12.72
C LEU B 155 -11.02 -15.15 12.70
N GLY B 156 -10.27 -15.28 13.81
CA GLY B 156 -9.32 -16.37 13.95
C GLY B 156 -7.91 -16.11 13.50
N GLY B 157 -7.58 -14.86 13.19
CA GLY B 157 -6.21 -14.51 12.82
C GLY B 157 -6.03 -14.48 11.32
N LYS B 158 -5.19 -15.36 10.79
CA LYS B 158 -4.86 -15.35 9.36
C LYS B 158 -5.98 -15.98 8.58
N GLN B 159 -6.34 -15.35 7.47
CA GLN B 159 -7.39 -15.88 6.65
C GLN B 159 -6.87 -16.02 5.24
N MET B 160 -6.81 -17.25 4.77
CA MET B 160 -6.24 -17.55 3.47
C MET B 160 -7.13 -18.60 2.85
N TRP B 161 -8.39 -18.22 2.68
CA TRP B 161 -9.44 -19.13 2.24
C TRP B 161 -9.35 -19.50 0.77
N GLU B 162 -8.88 -18.57 -0.07
CA GLU B 162 -8.76 -18.88 -1.49
C GLU B 162 -7.60 -19.87 -1.64
N THR B 163 -6.50 -19.61 -0.93
CA THR B 163 -5.37 -20.54 -1.01
C THR B 163 -5.80 -21.92 -0.49
N PHE B 164 -6.59 -21.95 0.58
CA PHE B 164 -7.02 -23.23 1.17
C PHE B 164 -7.96 -23.94 0.22
N LEU B 165 -9.01 -23.24 -0.20
CA LEU B 165 -10.01 -23.92 -1.01
C LEU B 165 -9.53 -24.29 -2.42
N VAL B 166 -8.71 -23.47 -3.07
CA VAL B 166 -8.29 -23.77 -4.44
C VAL B 166 -6.99 -24.59 -4.47
N LYS B 167 -6.08 -24.29 -3.56
CA LYS B 167 -4.71 -24.84 -3.66
C LYS B 167 -4.37 -25.91 -2.61
N GLU B 168 -4.76 -25.71 -1.36
CA GLU B 168 -4.35 -26.65 -0.29
C GLU B 168 -5.22 -27.90 -0.31
N LEU B 169 -6.49 -27.71 -0.61
CA LEU B 169 -7.49 -28.73 -0.36
C LEU B 169 -7.78 -29.72 -1.49
N PRO B 170 -7.93 -29.26 -2.74
CA PRO B 170 -8.51 -30.18 -3.71
C PRO B 170 -7.65 -31.41 -4.01
N GLY B 171 -6.33 -31.26 -4.03
CA GLY B 171 -5.48 -32.40 -4.34
C GLY B 171 -5.77 -33.56 -3.39
N PRO B 172 -5.53 -33.35 -2.09
CA PRO B 172 -5.73 -34.43 -1.11
C PRO B 172 -7.18 -34.85 -0.97
N LEU B 173 -8.10 -33.91 -1.03
CA LEU B 173 -9.51 -34.24 -0.82
C LEU B 173 -10.10 -35.02 -1.97
N GLU B 174 -9.83 -34.60 -3.21
CA GLU B 174 -10.37 -35.31 -4.35
C GLU B 174 -9.74 -36.70 -4.49
N GLU B 175 -8.50 -36.84 -4.07
CA GLU B 175 -7.94 -38.20 -4.04
C GLU B 175 -8.66 -39.06 -3.02
N LYS B 176 -8.85 -38.54 -1.80
CA LYS B 176 -9.61 -39.23 -0.76
C LYS B 176 -11.00 -39.64 -1.23
N LEU B 177 -11.66 -38.77 -1.98
CA LEU B 177 -13.04 -39.00 -2.40
C LEU B 177 -13.09 -39.80 -3.69
N ASN B 178 -11.94 -40.04 -4.30
CA ASN B 178 -11.89 -40.78 -5.55
C ASN B 178 -12.84 -40.13 -6.59
N THR B 179 -12.64 -38.84 -6.87
CA THR B 179 -13.52 -38.16 -7.81
C THR B 179 -13.13 -38.44 -9.24
N ASP B 180 -14.01 -38.06 -10.17
CA ASP B 180 -13.81 -38.30 -11.58
C ASP B 180 -13.02 -37.17 -12.26
N GLY B 181 -12.60 -36.20 -11.48
CA GLY B 181 -11.77 -35.13 -12.02
C GLY B 181 -12.59 -33.93 -12.44
N GLN B 182 -13.91 -34.01 -12.29
CA GLN B 182 -14.78 -32.87 -12.57
C GLN B 182 -15.09 -32.12 -11.27
N ARG B 183 -15.26 -30.80 -11.33
CA ARG B 183 -15.61 -30.05 -10.11
C ARG B 183 -16.39 -28.80 -10.40
N ALA B 184 -17.12 -28.32 -9.38
CA ALA B 184 -17.82 -27.05 -9.51
C ALA B 184 -17.66 -26.30 -8.22
N ILE B 185 -17.94 -24.99 -8.27
CA ILE B 185 -17.94 -24.17 -7.07
C ILE B 185 -19.30 -23.47 -6.99
N ALA B 186 -19.85 -23.36 -5.78
CA ALA B 186 -21.13 -22.70 -5.58
C ALA B 186 -21.10 -21.94 -4.27
N GLY B 187 -21.78 -20.80 -4.25
CA GLY B 187 -21.83 -20.00 -3.04
C GLY B 187 -23.10 -19.19 -3.01
N MET B 188 -23.46 -18.71 -1.82
CA MET B 188 -24.69 -17.95 -1.68
C MET B 188 -24.39 -16.69 -0.91
N SER B 189 -25.06 -15.61 -1.31
CA SER B 189 -25.02 -14.36 -0.56
C SER B 189 -23.56 -13.87 -0.53
N MET B 190 -22.95 -13.69 0.64
CA MET B 190 -21.50 -13.38 0.68
C MET B 190 -20.67 -14.23 -0.31
N SER B 191 -20.84 -15.54 -0.29
CA SER B 191 -19.91 -16.41 -1.06
C SER B 191 -20.34 -16.58 -2.50
N ALA B 192 -21.44 -15.92 -2.90
CA ALA B 192 -21.81 -15.87 -4.30
C ALA B 192 -20.94 -14.85 -5.05
N THR B 193 -20.12 -14.10 -4.32
CA THR B 193 -19.04 -13.33 -4.92
C THR B 193 -17.87 -14.28 -5.18
N THR B 194 -17.55 -15.04 -4.15
CA THR B 194 -16.42 -16.00 -4.18
C THR B 194 -16.57 -16.95 -5.36
N SER B 195 -17.79 -17.41 -5.59
CA SER B 195 -17.95 -18.48 -6.57
C SER B 195 -17.82 -17.95 -7.99
N LEU B 196 -17.80 -16.62 -8.15
CA LEU B 196 -17.46 -16.03 -9.43
C LEU B 196 -15.97 -15.66 -9.52
N LEU B 197 -15.39 -15.22 -8.41
CA LEU B 197 -13.95 -14.91 -8.40
C LEU B 197 -13.06 -16.13 -8.61
N PHE B 198 -13.38 -17.27 -7.96
CA PHE B 198 -12.50 -18.43 -8.10
C PHE B 198 -12.34 -18.89 -9.55
N PRO B 199 -13.43 -18.99 -10.32
CA PRO B 199 -13.17 -19.41 -11.71
C PRO B 199 -12.49 -18.31 -12.59
N GLN B 200 -12.65 -17.04 -12.23
CA GLN B 200 -11.91 -15.97 -12.92
C GLN B 200 -10.40 -16.09 -12.61
N HIS B 201 -10.08 -16.39 -11.36
CA HIS B 201 -8.69 -16.46 -10.95
C HIS B 201 -7.99 -17.70 -11.50
N PHE B 202 -8.73 -18.78 -11.69
CA PHE B 202 -8.17 -20.08 -12.12
C PHE B 202 -8.99 -20.65 -13.26
N PRO B 203 -8.88 -20.05 -14.45
CA PRO B 203 -9.73 -20.50 -15.55
C PRO B 203 -9.51 -21.97 -15.89
N GLY B 204 -10.59 -22.70 -16.11
CA GLY B 204 -10.50 -24.11 -16.49
C GLY B 204 -10.45 -25.07 -15.30
N PHE B 205 -10.21 -24.54 -14.11
CA PHE B 205 -10.18 -25.39 -12.93
C PHE B 205 -11.56 -25.86 -12.57
N TYR B 206 -12.55 -24.99 -12.68
CA TYR B 206 -13.93 -25.40 -12.40
C TYR B 206 -14.75 -25.62 -13.64
N ASP B 207 -15.44 -26.76 -13.70
CA ASP B 207 -16.34 -27.00 -14.84
C ASP B 207 -17.54 -26.07 -14.79
N ALA B 208 -17.99 -25.70 -13.60
CA ALA B 208 -19.21 -24.90 -13.49
C ALA B 208 -19.06 -24.05 -12.28
N ALA B 209 -19.77 -22.92 -12.24
CA ALA B 209 -19.80 -22.08 -11.06
C ALA B 209 -21.23 -21.62 -10.88
N ALA B 210 -21.65 -21.52 -9.62
CA ALA B 210 -23.02 -21.08 -9.33
C ALA B 210 -22.96 -19.99 -8.27
N SER B 211 -23.65 -18.90 -8.54
CA SER B 211 -23.65 -17.69 -7.74
C SER B 211 -25.08 -17.43 -7.32
N PHE B 212 -25.42 -17.77 -6.08
CA PHE B 212 -26.80 -17.63 -5.59
C PHE B 212 -26.93 -16.31 -4.87
N SER B 213 -27.61 -15.36 -5.51
CA SER B 213 -27.91 -14.06 -4.89
CA SER B 213 -27.89 -14.05 -4.88
C SER B 213 -26.71 -13.32 -4.28
N GLY B 214 -25.70 -13.01 -5.09
CA GLY B 214 -24.55 -12.27 -4.59
C GLY B 214 -24.27 -11.08 -5.47
N CYS B 215 -23.30 -10.27 -5.08
CA CYS B 215 -22.85 -9.17 -5.93
C CYS B 215 -21.47 -9.50 -6.55
N ALA B 216 -21.40 -9.56 -7.88
CA ALA B 216 -20.11 -9.78 -8.53
C ALA B 216 -19.19 -8.63 -8.23
N ALA B 217 -19.72 -7.42 -8.30
CA ALA B 217 -18.91 -6.24 -8.08
C ALA B 217 -18.50 -6.12 -6.59
N THR B 218 -17.34 -5.55 -6.36
CA THR B 218 -16.87 -5.33 -5.00
C THR B 218 -16.10 -4.02 -4.86
N SER B 219 -15.70 -3.36 -5.96
CA SER B 219 -14.82 -2.19 -5.81
C SER B 219 -15.50 -0.82 -6.02
N SER B 220 -16.74 -0.82 -6.51
CA SER B 220 -17.48 0.42 -6.72
C SER B 220 -18.18 0.76 -5.41
N LEU B 221 -18.83 1.92 -5.33
CA LEU B 221 -19.22 2.43 -4.03
C LEU B 221 -20.27 1.59 -3.33
N LEU B 222 -21.37 1.28 -4.01
CA LEU B 222 -22.38 0.46 -3.34
C LEU B 222 -21.86 -0.96 -3.05
N PRO B 223 -21.19 -1.60 -4.02
CA PRO B 223 -20.69 -2.94 -3.70
C PRO B 223 -19.68 -2.99 -2.56
N TRP B 224 -18.90 -1.94 -2.37
CA TRP B 224 -17.94 -1.89 -1.26
C TRP B 224 -18.72 -1.77 0.06
N GLU B 225 -19.81 -1.01 0.04
CA GLU B 225 -20.69 -0.91 1.19
C GLU B 225 -21.28 -2.28 1.53
N TYR B 226 -21.57 -3.16 0.56
CA TYR B 226 -22.08 -4.48 0.94
C TYR B 226 -21.01 -5.27 1.69
N LEU B 227 -19.76 -5.15 1.26
CA LEU B 227 -18.64 -5.80 1.98
C LEU B 227 -18.58 -5.26 3.40
N LYS B 228 -18.73 -3.95 3.51
CA LYS B 228 -18.62 -3.29 4.82
C LYS B 228 -19.68 -3.82 5.77
N LEU B 229 -20.93 -3.86 5.30
CA LEU B 229 -22.04 -4.36 6.10
C LEU B 229 -21.90 -5.83 6.50
N THR B 230 -21.42 -6.67 5.57
CA THR B 230 -21.18 -8.06 5.88
C THR B 230 -20.04 -8.17 6.89
N LEU B 231 -18.94 -7.49 6.63
CA LEU B 231 -17.76 -7.69 7.51
C LEU B 231 -17.98 -7.07 8.88
N ASP B 232 -18.87 -6.10 8.98
CA ASP B 232 -19.17 -5.53 10.30
CA ASP B 232 -19.28 -5.52 10.27
C ASP B 232 -19.68 -6.60 11.25
N ARG B 233 -20.36 -7.62 10.74
CA ARG B 233 -20.87 -8.66 11.63
C ARG B 233 -19.76 -9.53 12.19
N GLY B 234 -18.59 -9.45 11.58
CA GLY B 234 -17.46 -10.27 12.03
C GLY B 234 -16.39 -9.40 12.67
N ASN B 235 -16.78 -8.19 13.05
CA ASN B 235 -15.82 -7.21 13.60
C ASN B 235 -14.62 -6.95 12.69
N ALA B 236 -14.90 -6.76 11.41
CA ALA B 236 -13.86 -6.55 10.43
C ALA B 236 -14.22 -5.44 9.47
N THR B 237 -13.23 -5.02 8.68
CA THR B 237 -13.42 -3.98 7.64
C THR B 237 -12.90 -4.46 6.26
N PRO B 238 -13.45 -3.91 5.18
CA PRO B 238 -12.98 -4.50 3.91
C PRO B 238 -11.54 -4.13 3.56
N GLU B 239 -11.00 -3.06 4.15
CA GLU B 239 -9.60 -2.76 3.95
C GLU B 239 -8.71 -3.88 4.51
N GLN B 240 -9.14 -4.54 5.59
CA GLN B 240 -8.34 -5.65 6.14
C GLN B 240 -8.32 -6.81 5.15
N MET B 241 -9.40 -6.93 4.39
CA MET B 241 -9.58 -8.08 3.54
C MET B 241 -8.92 -7.85 2.19
N TRP B 242 -9.26 -6.75 1.50
CA TRP B 242 -8.76 -6.60 0.14
C TRP B 242 -7.96 -5.34 -0.07
N GLY B 243 -7.56 -4.69 1.03
CA GLY B 243 -6.83 -3.43 0.87
C GLY B 243 -7.74 -2.24 0.56
N PRO B 244 -7.13 -1.12 0.17
CA PRO B 244 -7.91 0.11 -0.04
C PRO B 244 -8.93 -0.08 -1.18
N ARG B 245 -10.12 0.48 -1.03
CA ARG B 245 -11.09 0.38 -2.13
C ARG B 245 -10.51 0.90 -3.43
N GLY B 246 -10.68 0.13 -4.51
CA GLY B 246 -10.16 0.55 -5.80
C GLY B 246 -8.71 0.22 -6.02
N GLY B 247 -8.03 -0.29 -4.99
CA GLY B 247 -6.64 -0.67 -5.16
C GLY B 247 -6.50 -1.94 -5.99
N GLU B 248 -5.28 -2.27 -6.35
CA GLU B 248 -5.04 -3.39 -7.26
C GLU B 248 -5.64 -4.73 -6.77
N TYR B 249 -5.49 -5.03 -5.48
CA TYR B 249 -5.99 -6.31 -4.97
C TYR B 249 -7.53 -6.34 -4.89
N ASN B 250 -8.13 -5.20 -4.56
CA ASN B 250 -9.59 -5.08 -4.58
C ASN B 250 -10.11 -5.34 -5.99
N ILE B 251 -9.49 -4.72 -6.99
CA ILE B 251 -9.94 -4.86 -8.39
C ILE B 251 -9.75 -6.30 -8.92
N TYR B 252 -8.65 -6.94 -8.55
CA TYR B 252 -8.43 -8.35 -8.85
C TYR B 252 -9.56 -9.19 -8.25
N ASN B 253 -10.08 -8.76 -7.11
CA ASN B 253 -11.23 -9.42 -6.50
C ASN B 253 -12.56 -8.72 -6.75
N ASP B 254 -12.70 -8.17 -7.96
CA ASP B 254 -13.97 -7.61 -8.41
C ASP B 254 -14.42 -8.47 -9.58
N ALA B 255 -15.47 -9.25 -9.36
CA ALA B 255 -15.91 -10.21 -10.38
C ALA B 255 -16.73 -9.58 -11.49
N LEU B 256 -17.20 -8.36 -11.28
CA LEU B 256 -17.87 -7.66 -12.38
C LEU B 256 -16.82 -7.15 -13.35
N ILE B 257 -15.83 -6.45 -12.83
CA ILE B 257 -14.78 -5.91 -13.69
C ILE B 257 -14.13 -7.02 -14.50
N ASN B 258 -13.93 -8.16 -13.85
CA ASN B 258 -13.26 -9.29 -14.49
C ASN B 258 -14.16 -10.34 -15.09
N SER B 259 -15.40 -9.95 -15.38
CA SER B 259 -16.43 -10.91 -15.80
C SER B 259 -16.03 -11.70 -17.04
N ASP B 260 -15.27 -11.07 -17.92
CA ASP B 260 -14.91 -11.75 -19.18
C ASP B 260 -14.08 -13.01 -18.90
N LYS B 261 -13.42 -13.06 -17.75
CA LYS B 261 -12.59 -14.21 -17.41
C LYS B 261 -13.40 -15.49 -17.08
N LEU B 262 -14.72 -15.36 -17.04
CA LEU B 262 -15.58 -16.52 -16.73
C LEU B 262 -15.79 -17.37 -17.97
N ARG B 263 -15.43 -16.83 -19.13
CA ARG B 263 -15.64 -17.53 -20.40
C ARG B 263 -15.09 -18.96 -20.33
N GLY B 264 -15.93 -19.91 -20.76
CA GLY B 264 -15.58 -21.32 -20.72
C GLY B 264 -16.12 -22.06 -19.51
N THR B 265 -16.67 -21.34 -18.54
CA THR B 265 -17.20 -21.98 -17.34
C THR B 265 -18.71 -22.04 -17.49
N GLU B 266 -19.36 -23.16 -17.18
CA GLU B 266 -20.81 -23.22 -17.22
C GLU B 266 -21.29 -22.47 -15.99
N LEU B 267 -22.32 -21.62 -16.14
CA LEU B 267 -22.69 -20.68 -15.06
C LEU B 267 -24.17 -20.74 -14.67
N TYR B 268 -24.44 -20.54 -13.40
CA TYR B 268 -25.79 -20.34 -12.89
C TYR B 268 -25.74 -19.12 -11.98
N VAL B 269 -26.66 -18.19 -12.19
CA VAL B 269 -26.68 -16.97 -11.39
C VAL B 269 -28.11 -16.64 -11.05
N SER B 270 -28.38 -16.42 -9.77
CA SER B 270 -29.69 -16.01 -9.32
C SER B 270 -29.65 -14.58 -8.77
N ASN B 271 -30.76 -13.88 -8.91
CA ASN B 271 -30.87 -12.46 -8.59
C ASN B 271 -30.44 -12.13 -7.18
N ALA B 272 -29.74 -11.00 -7.03
CA ALA B 272 -29.03 -10.61 -5.81
C ALA B 272 -29.85 -10.05 -4.67
N SER B 273 -31.15 -9.97 -4.82
CA SER B 273 -31.91 -9.33 -3.73
C SER B 273 -31.76 -10.09 -2.39
N GLY B 274 -31.55 -11.41 -2.46
CA GLY B 274 -31.35 -12.21 -1.26
C GLY B 274 -30.09 -11.89 -0.45
N LEU B 275 -29.20 -11.09 -1.02
CA LEU B 275 -27.95 -10.72 -0.35
C LEU B 275 -28.22 -9.95 0.93
N ALA B 276 -29.27 -9.14 0.89
CA ALA B 276 -29.61 -8.31 2.06
C ALA B 276 -29.86 -9.11 3.33
N GLY B 277 -30.13 -10.41 3.21
CA GLY B 277 -30.24 -11.29 4.37
C GLY B 277 -28.99 -11.34 5.22
N GLU B 278 -27.84 -10.99 4.64
CA GLU B 278 -26.61 -10.97 5.45
C GLU B 278 -26.70 -9.96 6.57
N TRP B 279 -27.48 -8.90 6.37
CA TRP B 279 -27.48 -7.78 7.32
C TRP B 279 -28.75 -7.75 8.19
N GLU B 280 -29.43 -8.90 8.20
CA GLU B 280 -30.69 -9.16 8.93
C GLU B 280 -31.92 -8.55 8.27
N THR B 305 -36.37 1.43 2.11
CA THR B 305 -35.65 0.48 3.00
C THR B 305 -35.40 -0.85 2.30
N GLY B 306 -36.21 -1.86 2.61
CA GLY B 306 -36.21 -3.09 1.83
C GLY B 306 -36.23 -2.71 0.36
N GLY B 307 -37.10 -1.76 0.02
CA GLY B 307 -37.17 -1.10 -1.29
C GLY B 307 -35.86 -0.56 -1.83
N ILE B 308 -35.21 0.37 -1.13
CA ILE B 308 -33.92 0.87 -1.60
C ILE B 308 -32.86 -0.23 -1.56
N ILE B 309 -32.91 -1.10 -0.57
CA ILE B 309 -31.88 -2.12 -0.47
C ILE B 309 -32.06 -3.13 -1.60
N GLU B 310 -33.30 -3.48 -1.89
CA GLU B 310 -33.54 -4.39 -3.01
C GLU B 310 -33.15 -3.81 -4.35
N ALA B 311 -33.43 -2.53 -4.58
CA ALA B 311 -33.09 -1.91 -5.86
C ALA B 311 -31.58 -1.86 -6.03
N ALA B 312 -30.88 -1.52 -4.96
CA ALA B 312 -29.42 -1.43 -5.02
C ALA B 312 -28.81 -2.81 -5.29
N THR B 313 -29.22 -3.80 -4.52
CA THR B 313 -28.62 -5.13 -4.72
C THR B 313 -29.01 -5.73 -6.08
N ASN B 314 -30.24 -5.47 -6.52
CA ASN B 314 -30.73 -5.94 -7.84
C ASN B 314 -29.82 -5.49 -8.96
N LYS B 315 -29.24 -4.31 -8.81
CA LYS B 315 -28.38 -3.75 -9.83
C LYS B 315 -27.10 -4.60 -10.01
N CYS B 316 -26.68 -5.29 -8.96
CA CYS B 316 -25.54 -6.20 -9.07
C CYS B 316 -25.79 -7.21 -10.18
N THR B 317 -27.00 -7.77 -10.19
CA THR B 317 -27.31 -8.81 -11.19
C THR B 317 -27.51 -8.19 -12.59
N HIS B 318 -28.20 -7.06 -12.63
CA HIS B 318 -28.37 -6.33 -13.89
C HIS B 318 -27.03 -6.06 -14.54
N ASP B 319 -26.08 -5.56 -13.74
CA ASP B 319 -24.79 -5.19 -14.30
C ASP B 319 -24.01 -6.41 -14.82
N LEU B 320 -23.98 -7.48 -14.04
CA LEU B 320 -23.27 -8.67 -14.47
C LEU B 320 -23.90 -9.24 -15.74
N LYS B 321 -25.22 -9.37 -15.76
CA LYS B 321 -25.85 -9.92 -16.98
C LYS B 321 -25.56 -9.09 -18.26
N ALA B 322 -25.66 -7.78 -18.12
CA ALA B 322 -25.33 -6.89 -19.26
C ALA B 322 -23.91 -7.14 -19.76
N LYS B 323 -22.95 -7.31 -18.84
CA LYS B 323 -21.57 -7.54 -19.25
C LYS B 323 -21.38 -8.92 -19.83
N LEU B 324 -21.99 -9.94 -19.23
CA LEU B 324 -21.84 -11.28 -19.77
C LEU B 324 -22.52 -11.34 -21.13
N ASP B 325 -23.71 -10.75 -21.24
CA ASP B 325 -24.40 -10.74 -22.56
C ASP B 325 -23.59 -10.04 -23.63
N SER B 326 -23.00 -8.91 -23.28
CA SER B 326 -22.17 -8.16 -24.23
C SER B 326 -21.00 -9.02 -24.75
N ALA B 327 -20.45 -9.84 -23.86
CA ALA B 327 -19.35 -10.76 -24.20
C ALA B 327 -19.77 -12.09 -24.84
N GLY B 328 -21.06 -12.36 -24.88
CA GLY B 328 -21.51 -13.65 -25.38
C GLY B 328 -21.13 -14.81 -24.46
N ILE B 329 -21.13 -14.57 -23.16
CA ILE B 329 -20.79 -15.61 -22.22
C ILE B 329 -22.12 -16.03 -21.58
N PRO B 330 -22.58 -17.25 -21.90
CA PRO B 330 -23.93 -17.66 -21.48
C PRO B 330 -24.00 -18.09 -20.01
N ALA B 331 -25.18 -17.93 -19.41
CA ALA B 331 -25.43 -18.45 -18.06
C ALA B 331 -26.88 -18.89 -17.95
N ASP B 332 -27.16 -19.82 -17.04
CA ASP B 332 -28.52 -20.12 -16.61
C ASP B 332 -28.97 -19.08 -15.58
N TRP B 333 -30.12 -18.45 -15.80
CA TRP B 333 -30.53 -17.31 -14.98
C TRP B 333 -31.72 -17.63 -14.09
N ASN B 334 -31.67 -17.26 -12.83
CA ASN B 334 -32.85 -17.33 -11.99
C ASN B 334 -33.27 -15.91 -11.61
N LEU B 335 -34.19 -15.31 -12.39
CA LEU B 335 -34.48 -13.90 -12.23
C LEU B 335 -35.91 -13.57 -11.79
N ARG B 336 -36.77 -14.59 -11.71
CA ARG B 336 -38.17 -14.29 -11.40
C ARG B 336 -38.29 -13.88 -9.93
N PRO B 337 -38.79 -12.65 -9.68
CA PRO B 337 -39.01 -12.14 -8.30
C PRO B 337 -39.89 -13.08 -7.50
N THR B 338 -39.56 -13.22 -6.23
CA THR B 338 -40.37 -14.02 -5.31
C THR B 338 -40.61 -13.23 -4.04
N GLY B 339 -41.60 -13.68 -3.26
CA GLY B 339 -41.99 -13.00 -2.03
C GLY B 339 -40.92 -13.05 -0.95
N THR B 340 -40.23 -14.20 -0.85
CA THR B 340 -39.16 -14.36 0.14
C THR B 340 -37.82 -14.82 -0.46
N HIS B 341 -36.75 -14.60 0.30
CA HIS B 341 -35.46 -15.23 0.02
C HIS B 341 -35.04 -15.96 1.28
N SER B 342 -36.04 -16.64 1.83
CA SER B 342 -35.90 -17.55 2.94
C SER B 342 -34.97 -18.69 2.59
N TRP B 343 -34.90 -19.66 3.48
CA TRP B 343 -34.14 -20.84 3.18
C TRP B 343 -34.80 -21.66 2.06
N GLY B 344 -36.09 -21.47 1.87
CA GLY B 344 -36.79 -22.13 0.78
C GLY B 344 -36.22 -21.61 -0.53
N TRP B 345 -35.92 -20.31 -0.57
CA TRP B 345 -35.34 -19.72 -1.79
C TRP B 345 -33.94 -20.27 -2.07
N TRP B 346 -33.10 -20.33 -1.03
CA TRP B 346 -31.77 -20.89 -1.19
C TRP B 346 -31.86 -22.35 -1.60
N GLN B 347 -32.76 -23.06 -0.94
CA GLN B 347 -32.90 -24.47 -1.23
C GLN B 347 -33.35 -24.68 -2.69
N ASP B 348 -34.16 -23.76 -3.22
CA ASP B 348 -34.56 -23.83 -4.62
C ASP B 348 -33.41 -23.60 -5.60
N ASP B 349 -32.40 -22.83 -5.18
CA ASP B 349 -31.22 -22.61 -6.03
C ASP B 349 -30.39 -23.89 -6.16
N LEU B 350 -30.44 -24.76 -5.14
CA LEU B 350 -29.80 -26.05 -5.32
C LEU B 350 -30.52 -26.81 -6.45
N ARG B 351 -31.84 -26.67 -6.55
CA ARG B 351 -32.55 -27.34 -7.65
C ARG B 351 -32.22 -26.70 -8.99
N GLY B 352 -32.34 -25.38 -9.04
CA GLY B 352 -32.09 -24.61 -10.25
C GLY B 352 -30.70 -24.88 -10.80
N SER B 353 -29.66 -24.77 -9.95
CA SER B 353 -28.30 -24.95 -10.42
C SER B 353 -28.03 -26.39 -10.80
N TRP B 354 -28.93 -27.32 -10.43
CA TRP B 354 -28.69 -28.69 -10.84
C TRP B 354 -28.72 -28.80 -12.38
N THR B 355 -29.52 -27.96 -13.03
CA THR B 355 -29.49 -27.95 -14.51
C THR B 355 -28.06 -27.71 -15.01
N THR B 356 -27.43 -26.68 -14.44
CA THR B 356 -26.09 -26.30 -14.85
C THR B 356 -25.05 -27.37 -14.58
N PHE B 357 -25.12 -27.98 -13.40
CA PHE B 357 -24.12 -28.95 -12.97
C PHE B 357 -24.30 -30.27 -13.77
N ALA B 358 -25.54 -30.72 -13.92
CA ALA B 358 -25.78 -31.94 -14.73
C ALA B 358 -25.23 -31.76 -16.15
N ARG B 359 -25.43 -30.57 -16.73
CA ARG B 359 -24.91 -30.28 -18.07
C ARG B 359 -23.40 -30.28 -18.09
N ALA B 360 -22.81 -29.53 -17.16
CA ALA B 360 -21.37 -29.38 -17.11
C ALA B 360 -20.64 -30.68 -16.87
N PHE B 361 -21.27 -31.56 -16.09
CA PHE B 361 -20.64 -32.81 -15.66
C PHE B 361 -21.03 -33.95 -16.61
N GLU B 362 -21.90 -33.65 -17.58
CA GLU B 362 -22.42 -34.67 -18.53
C GLU B 362 -23.00 -35.90 -17.82
N LEU B 363 -23.84 -35.64 -16.83
CA LEU B 363 -24.56 -36.68 -16.12
C LEU B 363 -25.85 -36.99 -16.88
N ALA C 30 8.44 -5.14 29.06
CA ALA C 30 9.30 -4.29 29.92
C ALA C 30 10.20 -5.17 30.76
N GLU C 31 11.39 -4.66 31.08
CA GLU C 31 12.34 -5.41 31.88
C GLU C 31 12.00 -5.32 33.38
N VAL C 32 11.28 -4.27 33.75
CA VAL C 32 10.87 -4.10 35.15
C VAL C 32 9.64 -4.96 35.39
N THR C 33 9.62 -5.77 36.45
CA THR C 33 8.53 -6.73 36.67
C THR C 33 7.53 -6.15 37.66
N PRO C 34 6.33 -6.76 37.77
CA PRO C 34 5.40 -6.29 38.81
C PRO C 34 6.00 -6.34 40.22
N ALA C 35 6.70 -7.43 40.55
CA ALA C 35 7.31 -7.52 41.89
C ALA C 35 8.33 -6.45 42.11
N ASP C 36 9.07 -6.06 41.07
CA ASP C 36 10.05 -4.96 41.19
C ASP C 36 9.47 -3.67 41.73
N VAL C 37 8.30 -3.28 41.23
CA VAL C 37 7.70 -2.03 41.68
C VAL C 37 6.78 -2.23 42.90
N ALA C 38 6.32 -3.45 43.12
CA ALA C 38 5.42 -3.74 44.26
C ALA C 38 6.16 -3.79 45.59
N GLY C 39 7.36 -4.36 45.59
CA GLY C 39 8.11 -4.49 46.84
C GLY C 39 7.29 -5.30 47.83
N ASP C 40 7.08 -4.72 49.02
CA ASP C 40 6.38 -5.38 50.11
C ASP C 40 4.88 -5.21 50.02
N THR C 41 4.38 -4.47 49.02
CA THR C 41 2.95 -4.17 48.96
C THR C 41 2.02 -5.39 49.03
N ALA C 42 0.99 -5.33 49.88
CA ALA C 42 0.00 -6.40 49.95
C ALA C 42 -0.78 -6.44 48.63
N LEU C 43 -0.79 -7.58 47.95
CA LEU C 43 -1.29 -7.65 46.59
C LEU C 43 -2.80 -7.79 46.49
N SER C 44 -3.36 -7.39 45.33
CA SER C 44 -4.78 -7.55 45.09
CA SER C 44 -4.77 -7.55 45.06
CA SER C 44 -4.77 -7.55 45.04
C SER C 44 -5.17 -9.02 44.89
N THR C 45 -6.44 -9.31 45.11
CA THR C 45 -7.01 -10.63 44.86
C THR C 45 -7.95 -10.41 43.70
N ILE C 46 -7.78 -11.20 42.64
CA ILE C 46 -8.62 -11.02 41.45
C ILE C 46 -9.76 -12.01 41.47
N SER C 47 -10.97 -11.55 41.15
CA SER C 47 -12.14 -12.41 41.10
C SER C 47 -12.79 -12.35 39.73
N ASP C 48 -13.50 -13.42 39.36
CA ASP C 48 -14.23 -13.42 38.12
C ASP C 48 -15.67 -13.05 38.35
N SER C 49 -15.99 -12.61 39.56
CA SER C 49 -17.39 -12.26 39.82
C SER C 49 -17.51 -11.07 40.75
N ALA C 50 -18.66 -10.38 40.68
CA ALA C 50 -18.91 -9.16 41.45
C ALA C 50 -19.11 -9.47 42.93
N PRO C 51 -19.03 -8.46 43.80
CA PRO C 51 -19.18 -8.68 45.24
C PRO C 51 -20.56 -9.21 45.61
N ALA C 52 -20.65 -9.98 46.69
CA ALA C 52 -21.89 -10.70 47.00
C ALA C 52 -23.05 -9.79 47.30
N ASP C 53 -22.75 -8.58 47.77
CA ASP C 53 -23.81 -7.67 48.18
C ASP C 53 -24.23 -6.69 47.07
N GLU C 54 -23.81 -6.94 45.83
CA GLU C 54 -24.21 -6.08 44.72
C GLU C 54 -25.73 -6.09 44.60
N ALA C 55 -26.34 -4.92 44.40
CA ALA C 55 -27.79 -4.80 44.43
C ALA C 55 -28.42 -4.81 43.04
N SER C 56 -27.66 -4.36 42.05
CA SER C 56 -28.13 -4.36 40.65
C SER C 56 -26.91 -4.22 39.74
N ALA C 57 -27.09 -4.44 38.44
CA ALA C 57 -25.96 -4.46 37.51
C ALA C 57 -25.38 -3.07 37.28
N PRO C 58 -24.06 -2.97 37.13
CA PRO C 58 -23.48 -1.72 36.64
C PRO C 58 -24.02 -1.50 35.23
N ARG C 59 -24.09 -0.25 34.80
CA ARG C 59 -24.64 0.07 33.48
C ARG C 59 -23.94 -0.63 32.32
N TRP C 60 -22.66 -0.92 32.51
CA TRP C 60 -21.82 -1.43 31.44
C TRP C 60 -21.89 -2.95 31.34
N ARG C 61 -22.57 -3.60 32.28
CA ARG C 61 -22.52 -5.06 32.27
C ARG C 61 -23.20 -5.61 31.01
N ALA C 62 -24.28 -4.96 30.60
CA ALA C 62 -25.03 -5.41 29.42
C ALA C 62 -24.14 -5.40 28.17
N HIS C 63 -23.40 -4.31 27.99
CA HIS C 63 -22.46 -4.19 26.87
C HIS C 63 -21.38 -5.27 26.93
N VAL C 64 -20.83 -5.51 28.12
CA VAL C 64 -19.85 -6.58 28.28
C VAL C 64 -20.47 -7.94 27.94
N ASN C 65 -21.69 -8.18 28.41
CA ASN C 65 -22.25 -9.52 28.27
C ASN C 65 -22.60 -9.83 26.84
N ALA C 66 -22.90 -8.77 26.10
CA ALA C 66 -23.23 -8.83 24.68
C ALA C 66 -21.99 -8.97 23.78
N ALA C 67 -20.80 -8.74 24.33
CA ALA C 67 -19.54 -8.80 23.57
C ALA C 67 -19.02 -10.22 23.41
N ASP C 68 -18.00 -10.37 22.56
CA ASP C 68 -17.21 -11.58 22.42
C ASP C 68 -16.87 -12.09 23.77
N GLU C 69 -16.84 -13.42 23.95
CA GLU C 69 -16.58 -13.98 25.29
C GLU C 69 -15.14 -13.75 25.75
N ARG C 70 -14.26 -13.27 24.85
CA ARG C 70 -12.93 -12.84 25.28
C ARG C 70 -13.01 -11.58 26.13
N VAL C 71 -14.13 -10.86 26.09
CA VAL C 71 -14.30 -9.70 26.99
C VAL C 71 -14.87 -10.22 28.31
N LYS C 72 -14.15 -9.98 29.40
CA LYS C 72 -14.54 -10.52 30.70
C LYS C 72 -14.73 -9.42 31.73
N GLU C 73 -15.73 -9.58 32.57
CA GLU C 73 -15.85 -8.75 33.77
C GLU C 73 -15.04 -9.40 34.88
N MET C 74 -14.09 -8.64 35.44
CA MET C 74 -13.33 -9.12 36.59
C MET C 74 -13.40 -8.07 37.67
N TRP C 75 -13.10 -8.48 38.88
CA TRP C 75 -13.04 -7.55 40.03
C TRP C 75 -11.73 -7.77 40.80
N ALA C 76 -11.14 -6.70 41.32
CA ALA C 76 -9.91 -6.82 42.09
C ALA C 76 -10.08 -6.13 43.42
N TYR C 77 -9.80 -6.86 44.49
CA TYR C 77 -9.79 -6.28 45.82
C TYR C 77 -8.51 -5.50 46.06
N SER C 78 -8.65 -4.25 46.50
CA SER C 78 -7.51 -3.41 46.83
C SER C 78 -7.35 -3.40 48.35
N PRO C 79 -6.25 -3.97 48.87
CA PRO C 79 -6.09 -3.92 50.34
C PRO C 79 -5.92 -2.52 50.85
N SER C 80 -5.24 -1.64 50.11
CA SER C 80 -4.99 -0.29 50.66
C SER C 80 -6.25 0.54 50.75
N MET C 81 -7.20 0.32 49.84
CA MET C 81 -8.47 1.05 49.84
C MET C 81 -9.59 0.27 50.52
N ASP C 82 -9.32 -1.00 50.84
CA ASP C 82 -10.38 -1.94 51.23
C ASP C 82 -11.62 -1.82 50.33
N ARG C 83 -11.41 -2.04 49.03
CA ARG C 83 -12.42 -1.73 48.04
C ARG C 83 -12.37 -2.74 46.94
N ASN C 84 -13.54 -3.16 46.45
CA ASN C 84 -13.62 -4.05 45.30
C ASN C 84 -13.74 -3.22 44.04
N VAL C 85 -12.73 -3.34 43.17
CA VAL C 85 -12.71 -2.51 41.95
C VAL C 85 -13.08 -3.33 40.73
N PRO C 86 -14.12 -2.94 39.98
CA PRO C 86 -14.51 -3.66 38.76
C PRO C 86 -13.57 -3.33 37.61
N LEU C 87 -13.31 -4.33 36.78
CA LEU C 87 -12.46 -4.18 35.61
C LEU C 87 -13.18 -4.74 34.39
N VAL C 88 -13.13 -4.04 33.27
CA VAL C 88 -13.57 -4.66 32.01
C VAL C 88 -12.27 -5.07 31.35
N VAL C 89 -12.12 -6.36 31.07
CA VAL C 89 -10.86 -6.88 30.57
C VAL C 89 -11.08 -7.49 29.21
N ILE C 90 -10.39 -6.98 28.20
CA ILE C 90 -10.44 -7.62 26.87
C ILE C 90 -9.28 -8.60 26.87
N THR C 91 -9.53 -9.90 26.69
CA THR C 91 -8.39 -10.84 26.73
C THR C 91 -7.90 -11.17 25.34
N ALA C 92 -6.60 -11.41 25.21
CA ALA C 92 -6.04 -11.90 23.96
C ALA C 92 -6.55 -13.31 23.69
N ASP C 93 -6.62 -13.74 22.43
CA ASP C 93 -7.05 -15.12 22.20
CA ASP C 93 -7.03 -15.12 22.16
C ASP C 93 -5.94 -16.03 22.68
N GLU C 94 -6.31 -17.19 23.21
CA GLU C 94 -5.32 -18.10 23.72
C GLU C 94 -4.38 -18.55 22.59
N SER C 95 -4.89 -18.51 21.35
CA SER C 95 -4.12 -18.87 20.15
CA SER C 95 -4.11 -18.89 20.17
C SER C 95 -2.84 -18.07 20.05
N ALA C 96 -2.85 -16.92 20.69
CA ALA C 96 -1.75 -15.97 20.60
C ALA C 96 -0.44 -16.39 21.25
N GLY C 97 -0.50 -17.25 22.26
CA GLY C 97 0.63 -17.33 23.17
C GLY C 97 0.53 -16.08 24.03
N PRO C 98 1.41 -15.90 25.01
CA PRO C 98 1.31 -14.68 25.87
C PRO C 98 1.38 -13.38 25.07
N ARG C 99 0.58 -12.39 25.48
CA ARG C 99 0.50 -11.12 24.78
C ARG C 99 0.62 -9.94 25.76
N PRO C 100 0.84 -8.72 25.24
CA PRO C 100 1.00 -7.58 26.18
C PRO C 100 -0.34 -7.15 26.80
N VAL C 101 -0.28 -6.20 27.75
CA VAL C 101 -1.50 -5.68 28.36
C VAL C 101 -1.41 -4.17 28.34
N ILE C 102 -2.53 -3.54 27.99
CA ILE C 102 -2.65 -2.10 28.06
C ILE C 102 -3.58 -1.83 29.23
N TYR C 103 -3.14 -0.97 30.15
CA TYR C 103 -4.05 -0.46 31.18
C TYR C 103 -4.66 0.82 30.63
N LEU C 104 -5.96 0.79 30.36
CA LEU C 104 -6.65 1.93 29.73
C LEU C 104 -7.59 2.56 30.72
N LEU C 105 -7.34 3.85 31.01
CA LEU C 105 -8.07 4.58 32.04
C LEU C 105 -9.15 5.46 31.44
N ASN C 106 -10.33 5.40 32.06
CA ASN C 106 -11.40 6.38 31.80
C ASN C 106 -11.04 7.79 32.27
N GLY C 107 -11.80 8.77 31.79
CA GLY C 107 -11.71 10.13 32.30
C GLY C 107 -12.40 10.31 33.63
N GLY C 108 -12.79 11.55 33.97
CA GLY C 108 -13.40 11.85 35.26
C GLY C 108 -14.62 11.00 35.60
N ASP C 109 -15.32 10.49 34.61
CA ASP C 109 -16.41 9.53 34.87
C ASP C 109 -15.96 8.29 35.70
N GLY C 110 -14.74 7.84 35.45
CA GLY C 110 -14.15 6.72 36.16
C GLY C 110 -14.74 5.38 35.76
N GLY C 111 -15.68 5.39 34.83
CA GLY C 111 -16.41 4.16 34.49
C GLY C 111 -17.66 4.02 35.31
N GLU C 112 -17.95 5.02 36.15
CA GLU C 112 -19.08 4.94 37.09
C GLU C 112 -20.36 5.58 36.57
N GLY C 113 -20.29 6.22 35.41
CA GLY C 113 -21.50 6.78 34.80
C GLY C 113 -21.61 6.40 33.35
N ALA C 114 -22.02 7.32 32.47
CA ALA C 114 -22.19 6.95 31.06
C ALA C 114 -21.02 7.42 30.18
N ALA C 115 -20.19 8.28 30.73
CA ALA C 115 -19.21 8.99 29.90
C ALA C 115 -17.86 8.31 29.98
N ASN C 116 -17.75 7.11 29.42
CA ASN C 116 -16.52 6.35 29.56
C ASN C 116 -16.29 5.54 28.29
N TRP C 117 -15.12 4.90 28.18
CA TRP C 117 -14.76 4.17 26.97
C TRP C 117 -15.79 3.11 26.58
N VAL C 118 -16.20 2.30 27.55
CA VAL C 118 -17.07 1.16 27.25
C VAL C 118 -18.44 1.61 26.72
N MET C 119 -18.99 2.68 27.30
CA MET C 119 -20.34 3.14 26.95
C MET C 119 -20.40 4.08 25.74
N GLN C 120 -19.28 4.69 25.38
CA GLN C 120 -19.30 5.73 24.34
C GLN C 120 -18.50 5.41 23.09
N THR C 121 -17.73 4.32 23.11
CA THR C 121 -16.83 4.04 21.98
C THR C 121 -16.86 2.56 21.63
N ASP C 122 -16.21 2.23 20.52
CA ASP C 122 -16.10 0.82 20.10
C ASP C 122 -14.83 0.14 20.65
N VAL C 123 -14.34 0.61 21.80
CA VAL C 123 -13.08 0.12 22.38
C VAL C 123 -13.00 -1.42 22.46
N LEU C 124 -14.13 -2.07 22.80
CA LEU C 124 -14.12 -3.51 22.93
C LEU C 124 -13.80 -4.17 21.61
N ASP C 125 -14.54 -3.82 20.57
CA ASP C 125 -14.29 -4.39 19.24
C ASP C 125 -12.94 -3.98 18.68
N PHE C 126 -12.52 -2.75 18.94
CA PHE C 126 -11.25 -2.29 18.42
C PHE C 126 -10.11 -3.17 18.90
N TYR C 127 -10.08 -3.48 20.20
CA TYR C 127 -8.97 -4.26 20.69
C TYR C 127 -9.17 -5.74 20.50
N LEU C 128 -10.42 -6.19 20.44
CA LEU C 128 -10.67 -7.61 20.18
C LEU C 128 -9.98 -8.07 18.90
N GLU C 129 -9.91 -7.19 17.91
CA GLU C 129 -9.38 -7.65 16.64
C GLU C 129 -7.86 -7.70 16.62
N LYS C 130 -7.23 -7.16 17.66
CA LYS C 130 -5.78 -7.05 17.75
C LYS C 130 -5.02 -8.17 18.47
N ASN C 131 -5.71 -9.04 19.19
CA ASN C 131 -4.93 -9.97 20.04
C ASN C 131 -4.01 -9.27 21.05
N VAL C 132 -4.60 -8.55 21.98
CA VAL C 132 -3.82 -7.90 23.02
C VAL C 132 -4.73 -7.89 24.24
N ASN C 133 -4.19 -7.86 25.45
CA ASN C 133 -5.03 -7.74 26.64
C ASN C 133 -5.23 -6.27 26.99
N VAL C 134 -6.44 -5.90 27.41
CA VAL C 134 -6.70 -4.53 27.82
C VAL C 134 -7.48 -4.55 29.13
N VAL C 135 -7.06 -3.72 30.08
CA VAL C 135 -7.72 -3.68 31.38
C VAL C 135 -8.28 -2.27 31.61
N ILE C 136 -9.60 -2.16 31.78
CA ILE C 136 -10.27 -0.87 31.91
C ILE C 136 -10.95 -0.82 33.27
N PRO C 137 -10.33 -0.16 34.25
CA PRO C 137 -11.04 -0.08 35.54
C PRO C 137 -12.33 0.71 35.42
N MET C 138 -13.37 0.29 36.16
CA MET C 138 -14.65 0.97 36.03
C MET C 138 -15.11 1.64 37.33
N GLU C 139 -14.18 1.88 38.22
CA GLU C 139 -14.42 2.86 39.27
C GLU C 139 -13.24 3.80 39.28
N GLY C 140 -13.38 4.89 40.04
CA GLY C 140 -12.34 5.88 40.16
C GLY C 140 -12.79 7.26 39.72
N LYS C 141 -14.10 7.54 39.74
CA LYS C 141 -14.58 8.84 39.29
C LYS C 141 -13.87 10.02 40.00
N PHE C 142 -13.48 11.03 39.22
CA PHE C 142 -12.91 12.26 39.73
C PHE C 142 -11.67 12.05 40.61
N SER C 143 -10.93 10.97 40.40
CA SER C 143 -9.90 10.62 41.37
C SER C 143 -8.49 10.94 40.91
N TYR C 144 -8.33 11.29 39.63
CA TYR C 144 -7.00 11.36 38.97
C TYR C 144 -6.20 10.04 39.08
N TYR C 145 -6.89 8.95 39.42
CA TYR C 145 -6.23 7.66 39.64
C TYR C 145 -4.93 7.83 40.40
N THR C 146 -4.96 8.61 41.48
CA THR C 146 -3.74 8.85 42.25
C THR C 146 -3.96 8.40 43.70
N ASP C 147 -2.92 8.55 44.52
CA ASP C 147 -3.00 8.32 45.97
C ASP C 147 -3.28 9.63 46.69
N TRP C 148 -4.47 9.76 47.29
CA TRP C 148 -4.88 11.03 47.91
C TRP C 148 -4.31 11.21 49.29
N VAL C 149 -4.11 12.47 49.68
CA VAL C 149 -3.67 12.78 51.05
C VAL C 149 -4.80 12.51 52.02
N GLU C 150 -5.99 12.99 51.68
CA GLU C 150 -7.15 12.87 52.57
C GLU C 150 -8.19 11.95 51.98
N GLU C 151 -9.02 11.36 52.85
CA GLU C 151 -10.18 10.60 52.37
C GLU C 151 -11.22 11.57 51.86
N ASN C 152 -12.12 11.08 51.02
CA ASN C 152 -13.26 11.89 50.59
C ASN C 152 -14.47 10.94 50.52
N ALA C 153 -15.41 11.12 51.45
CA ALA C 153 -16.55 10.19 51.53
C ALA C 153 -17.36 10.09 50.24
N SER C 154 -17.56 11.21 49.54
CA SER C 154 -18.30 11.23 48.29
CA SER C 154 -18.37 11.15 48.33
C SER C 154 -17.71 10.28 47.25
N LEU C 155 -16.39 10.08 47.34
CA LEU C 155 -15.64 9.29 46.35
C LEU C 155 -15.28 7.93 46.90
N GLY C 156 -15.94 7.56 48.00
CA GLY C 156 -15.84 6.22 48.53
C GLY C 156 -14.84 6.04 49.64
N GLY C 157 -14.28 7.15 50.14
CA GLY C 157 -13.37 7.07 51.27
C GLY C 157 -11.93 7.20 50.86
N LYS C 158 -11.13 6.18 51.19
CA LYS C 158 -9.68 6.21 50.93
C LYS C 158 -9.41 5.98 49.44
N GLN C 159 -8.62 6.86 48.84
CA GLN C 159 -8.30 6.73 47.40
C GLN C 159 -6.82 6.43 47.34
N MET C 160 -6.46 5.22 46.90
CA MET C 160 -5.04 4.85 46.73
C MET C 160 -4.93 4.18 45.37
N TRP C 161 -5.26 4.92 44.32
CA TRP C 161 -5.36 4.37 42.97
C TRP C 161 -4.02 4.12 42.31
N GLU C 162 -3.02 4.87 42.71
CA GLU C 162 -1.68 4.61 42.19
C GLU C 162 -1.12 3.35 42.79
N THR C 163 -1.24 3.22 44.12
CA THR C 163 -0.85 2.00 44.84
C THR C 163 -1.57 0.80 44.26
N PHE C 164 -2.86 0.97 43.97
CA PHE C 164 -3.63 -0.11 43.40
C PHE C 164 -3.18 -0.46 41.99
N LEU C 165 -3.18 0.53 41.09
CA LEU C 165 -2.93 0.22 39.66
C LEU C 165 -1.51 -0.21 39.38
N VAL C 166 -0.55 0.29 40.16
CA VAL C 166 0.85 0.01 39.87
C VAL C 166 1.40 -1.11 40.71
N LYS C 167 1.02 -1.14 41.99
CA LYS C 167 1.63 -2.08 42.94
C LYS C 167 0.77 -3.28 43.35
N GLU C 168 -0.52 -3.08 43.63
CA GLU C 168 -1.42 -4.18 43.99
C GLU C 168 -1.87 -5.06 42.83
N LEU C 169 -2.15 -4.42 41.68
CA LEU C 169 -2.89 -5.08 40.61
C LEU C 169 -2.05 -5.89 39.60
N PRO C 170 -0.94 -5.33 39.11
CA PRO C 170 -0.29 -5.99 37.95
C PRO C 170 0.20 -7.41 38.21
N GLY C 171 0.80 -7.67 39.36
CA GLY C 171 1.30 -9.03 39.61
C GLY C 171 0.25 -10.11 39.46
N PRO C 172 -0.81 -10.06 40.28
CA PRO C 172 -1.87 -11.07 40.22
C PRO C 172 -2.64 -11.04 38.89
N LEU C 173 -2.89 -9.84 38.35
CA LEU C 173 -3.67 -9.75 37.12
C LEU C 173 -2.89 -10.24 35.90
N GLU C 174 -1.64 -9.86 35.79
CA GLU C 174 -0.89 -10.26 34.63
C GLU C 174 -0.56 -11.74 34.68
N GLU C 175 -0.40 -12.29 35.87
CA GLU C 175 -0.27 -13.75 35.97
C GLU C 175 -1.57 -14.44 35.50
N LYS C 176 -2.70 -13.95 35.97
CA LYS C 176 -4.01 -14.52 35.55
C LYS C 176 -4.19 -14.44 34.02
N LEU C 177 -3.76 -13.33 33.43
CA LEU C 177 -3.91 -13.10 31.99
C LEU C 177 -2.82 -13.79 31.15
N ASN C 178 -1.84 -14.37 31.83
CA ASN C 178 -0.70 -14.98 31.15
C ASN C 178 -0.07 -14.00 30.16
N THR C 179 0.27 -12.78 30.59
CA THR C 179 0.85 -11.83 29.64
C THR C 179 2.32 -12.14 29.31
N ASP C 180 2.87 -11.44 28.30
CA ASP C 180 4.27 -11.62 27.89
C ASP C 180 5.22 -10.70 28.61
N GLY C 181 4.77 -10.07 29.69
CA GLY C 181 5.63 -9.20 30.44
C GLY C 181 5.71 -7.80 29.91
N GLN C 182 5.06 -7.53 28.77
CA GLN C 182 5.01 -6.17 28.24
C GLN C 182 3.74 -5.42 28.66
N ARG C 183 3.84 -4.11 28.80
CA ARG C 183 2.65 -3.36 29.23
C ARG C 183 2.71 -1.89 28.80
N ALA C 184 1.53 -1.28 28.71
CA ALA C 184 1.43 0.13 28.42
C ALA C 184 0.30 0.73 29.24
N ILE C 185 0.23 2.05 29.26
CA ILE C 185 -0.80 2.75 30.03
C ILE C 185 -1.33 3.90 29.18
N ALA C 186 -2.65 4.12 29.20
CA ALA C 186 -3.25 5.15 28.37
C ALA C 186 -4.33 5.81 29.18
N GLY C 187 -4.57 7.09 28.98
CA GLY C 187 -5.65 7.76 29.66
C GLY C 187 -6.09 8.99 28.91
N MET C 188 -7.27 9.48 29.26
CA MET C 188 -7.86 10.62 28.60
C MET C 188 -8.33 11.63 29.64
N SER C 189 -8.33 12.91 29.26
CA SER C 189 -8.75 13.98 30.16
CA SER C 189 -8.80 13.97 30.16
C SER C 189 -8.05 13.90 31.49
N MET C 190 -8.79 13.77 32.60
CA MET C 190 -8.15 13.63 33.89
C MET C 190 -7.03 12.55 33.89
N SER C 191 -7.30 11.39 33.30
CA SER C 191 -6.31 10.32 33.35
C SER C 191 -5.22 10.43 32.28
N ALA C 192 -5.27 11.46 31.43
CA ALA C 192 -4.13 11.78 30.57
C ALA C 192 -2.99 12.38 31.39
N THR C 193 -3.30 12.90 32.58
CA THR C 193 -2.24 13.26 33.50
C THR C 193 -1.64 12.03 34.13
N THR C 194 -2.50 11.13 34.61
CA THR C 194 -2.08 9.87 35.20
C THR C 194 -1.16 9.06 34.29
N SER C 195 -1.51 8.96 33.00
CA SER C 195 -0.74 8.07 32.13
C SER C 195 0.66 8.61 31.88
N LEU C 196 0.89 9.89 32.18
CA LEU C 196 2.25 10.44 32.12
C LEU C 196 2.96 10.34 33.48
N LEU C 197 2.22 10.51 34.57
CA LEU C 197 2.84 10.40 35.88
C LEU C 197 3.31 9.00 36.22
N PHE C 198 2.51 7.98 35.92
CA PHE C 198 2.92 6.64 36.31
C PHE C 198 4.31 6.25 35.74
N PRO C 199 4.53 6.46 34.42
CA PRO C 199 5.87 6.12 33.93
C PRO C 199 7.01 6.99 34.49
N GLN C 200 6.69 8.20 34.95
CA GLN C 200 7.69 9.04 35.62
C GLN C 200 7.98 8.53 37.00
N HIS C 201 6.94 8.07 37.70
CA HIS C 201 7.15 7.54 39.06
C HIS C 201 7.80 6.18 39.04
N PHE C 202 7.59 5.44 37.96
CA PHE C 202 8.13 4.08 37.87
C PHE C 202 8.81 3.85 36.53
N PRO C 203 9.95 4.52 36.30
CA PRO C 203 10.53 4.40 34.95
C PRO C 203 10.91 2.97 34.58
N GLY C 204 10.55 2.61 33.36
CA GLY C 204 10.82 1.30 32.86
C GLY C 204 9.74 0.28 33.11
N PHE C 205 8.75 0.59 33.97
CA PHE C 205 7.67 -0.38 34.21
C PHE C 205 6.76 -0.47 32.97
N TYR C 206 6.53 0.67 32.32
CA TYR C 206 5.69 0.71 31.11
C TYR C 206 6.53 0.82 29.88
N ASP C 207 6.24 -0.03 28.91
CA ASP C 207 6.92 0.07 27.63
C ASP C 207 6.46 1.30 26.85
N ALA C 208 5.21 1.70 27.07
CA ALA C 208 4.64 2.83 26.35
C ALA C 208 3.57 3.51 27.15
N ALA C 209 3.33 4.78 26.84
CA ALA C 209 2.28 5.53 27.52
C ALA C 209 1.58 6.41 26.50
N ALA C 210 0.28 6.51 26.65
CA ALA C 210 -0.50 7.40 25.81
C ALA C 210 -1.33 8.35 26.66
N SER C 211 -1.35 9.61 26.24
CA SER C 211 -2.01 10.71 26.97
C SER C 211 -2.92 11.48 26.01
N PHE C 212 -4.24 11.36 26.22
CA PHE C 212 -5.17 12.00 25.30
C PHE C 212 -5.86 13.20 25.94
N SER C 213 -5.61 14.40 25.41
CA SER C 213 -6.40 15.59 25.77
CA SER C 213 -6.40 15.59 25.77
C SER C 213 -6.37 15.90 27.26
N GLY C 214 -5.18 16.10 27.82
CA GLY C 214 -5.13 16.42 29.23
C GLY C 214 -4.07 17.45 29.51
N CYS C 215 -3.81 17.72 30.78
CA CYS C 215 -2.75 18.65 31.16
C CYS C 215 -1.67 17.92 31.96
N ALA C 216 -0.44 17.91 31.46
CA ALA C 216 0.69 17.33 32.19
C ALA C 216 1.03 18.17 33.44
N ALA C 217 0.99 19.48 33.28
CA ALA C 217 1.23 20.40 34.39
C ALA C 217 0.06 20.39 35.34
N THR C 218 0.36 20.49 36.65
CA THR C 218 -0.66 20.38 37.69
C THR C 218 -0.37 21.30 38.88
N SER C 219 0.78 21.97 38.90
CA SER C 219 1.22 22.64 40.15
C SER C 219 1.26 24.18 40.07
N SER C 220 1.31 24.76 38.86
CA SER C 220 1.24 26.22 38.67
C SER C 220 -0.20 26.67 38.80
N LEU C 221 -0.43 27.98 38.95
CA LEU C 221 -1.78 28.49 39.24
C LEU C 221 -2.86 28.03 38.26
N LEU C 222 -2.62 28.22 36.96
CA LEU C 222 -3.59 27.79 35.97
C LEU C 222 -3.79 26.25 35.98
N PRO C 223 -2.68 25.47 35.88
CA PRO C 223 -2.91 24.02 35.97
C PRO C 223 -3.57 23.54 37.27
N TRP C 224 -3.37 24.22 38.40
CA TRP C 224 -4.03 23.85 39.64
C TRP C 224 -5.56 24.12 39.56
N GLU C 225 -5.95 25.24 38.97
CA GLU C 225 -7.38 25.48 38.72
C GLU C 225 -7.98 24.44 37.77
N TYR C 226 -7.18 24.00 36.82
CA TYR C 226 -7.63 23.04 35.84
C TYR C 226 -7.98 21.72 36.55
N LEU C 227 -7.23 21.37 37.61
CA LEU C 227 -7.53 20.18 38.39
C LEU C 227 -8.96 20.26 38.94
N LYS C 228 -9.36 21.49 39.32
CA LYS C 228 -10.69 21.70 39.90
C LYS C 228 -11.86 21.44 38.94
N LEU C 229 -11.60 21.50 37.63
CA LEU C 229 -12.64 21.19 36.67
C LEU C 229 -13.17 19.78 36.91
N THR C 230 -12.26 18.88 37.28
CA THR C 230 -12.62 17.52 37.63
C THR C 230 -13.04 17.44 39.09
N LEU C 231 -12.22 17.98 39.99
CA LEU C 231 -12.45 17.71 41.41
C LEU C 231 -13.75 18.36 41.94
N ASP C 232 -14.13 19.51 41.40
CA ASP C 232 -15.41 20.12 41.78
C ASP C 232 -16.57 19.14 41.59
N ARG C 233 -16.52 18.32 40.54
CA ARG C 233 -17.61 17.38 40.25
C ARG C 233 -17.68 16.26 41.27
N GLY C 234 -16.57 16.05 41.96
CA GLY C 234 -16.47 14.99 42.93
C GLY C 234 -16.56 15.50 44.34
N ASN C 235 -17.02 16.74 44.48
CA ASN C 235 -17.11 17.37 45.79
CA ASN C 235 -17.10 17.39 45.79
C ASN C 235 -15.76 17.32 46.53
N ALA C 236 -14.69 17.65 45.83
CA ALA C 236 -13.35 17.46 46.38
C ALA C 236 -12.51 18.69 46.11
N THR C 237 -11.35 18.80 46.75
CA THR C 237 -10.44 19.89 46.45
C THR C 237 -9.11 19.29 46.07
N PRO C 238 -8.31 20.02 45.28
CA PRO C 238 -6.97 19.49 44.95
C PRO C 238 -6.09 19.40 46.19
N GLU C 239 -6.36 20.21 47.20
CA GLU C 239 -5.63 20.07 48.45
C GLU C 239 -5.87 18.71 49.11
N GLN C 240 -7.12 18.22 49.07
CA GLN C 240 -7.43 16.90 49.61
C GLN C 240 -6.60 15.86 48.89
N MET C 241 -6.45 16.07 47.59
CA MET C 241 -5.84 15.06 46.73
C MET C 241 -4.31 15.05 46.89
N TRP C 242 -3.69 16.21 46.70
CA TRP C 242 -2.22 16.27 46.64
C TRP C 242 -1.59 17.20 47.65
N GLY C 243 -2.38 17.74 48.57
CA GLY C 243 -1.83 18.70 49.53
C GLY C 243 -1.75 20.12 49.01
N PRO C 244 -1.03 21.01 49.72
CA PRO C 244 -1.00 22.41 49.26
C PRO C 244 -0.39 22.59 47.86
N ARG C 245 -0.94 23.51 47.09
CA ARG C 245 -0.38 23.79 45.75
C ARG C 245 1.09 24.09 45.88
N GLY C 246 1.88 23.46 45.00
CA GLY C 246 3.32 23.69 44.96
C GLY C 246 4.11 22.96 46.00
N GLY C 247 3.42 22.24 46.89
CA GLY C 247 4.09 21.42 47.88
C GLY C 247 4.74 20.24 47.17
N GLU C 248 5.59 19.52 47.87
CA GLU C 248 6.40 18.50 47.23
C GLU C 248 5.58 17.38 46.60
N TYR C 249 4.48 17.00 47.23
CA TYR C 249 3.71 15.91 46.69
C TYR C 249 2.98 16.38 45.41
N ASN C 250 2.57 17.64 45.39
CA ASN C 250 1.95 18.19 44.18
C ASN C 250 2.96 18.21 43.05
N ILE C 251 4.17 18.69 43.32
CA ILE C 251 5.19 18.77 42.25
C ILE C 251 5.59 17.38 41.76
N TYR C 252 5.66 16.42 42.68
CA TYR C 252 5.90 15.03 42.30
C TYR C 252 4.85 14.54 41.30
N ASN C 253 3.66 15.10 41.42
CA ASN C 253 2.57 14.76 40.54
C ASN C 253 2.34 15.81 39.50
N ASP C 254 3.43 16.46 39.09
CA ASP C 254 3.35 17.44 37.99
C ASP C 254 4.16 16.84 36.86
N ALA C 255 3.46 16.39 35.82
CA ALA C 255 4.13 15.64 34.76
C ALA C 255 4.91 16.55 33.80
N LEU C 256 4.66 17.87 33.84
CA LEU C 256 5.45 18.76 32.99
C LEU C 256 6.78 18.96 33.68
N ILE C 257 6.73 19.29 34.97
CA ILE C 257 7.99 19.53 35.71
C ILE C 257 8.95 18.32 35.64
N ASN C 258 8.40 17.13 35.75
CA ASN C 258 9.18 15.88 35.77
C ASN C 258 9.23 15.18 34.41
N SER C 259 8.92 15.92 33.35
CA SER C 259 8.89 15.31 32.00
C SER C 259 10.15 14.56 31.54
N ASP C 260 11.35 14.97 31.98
CA ASP C 260 12.56 14.25 31.55
C ASP C 260 12.50 12.79 31.98
N LYS C 261 11.71 12.50 33.00
CA LYS C 261 11.67 11.12 33.44
C LYS C 261 10.96 10.17 32.47
N LEU C 262 10.33 10.72 31.44
CA LEU C 262 9.65 9.88 30.49
C LEU C 262 10.62 9.25 29.50
N ARG C 263 11.86 9.75 29.45
CA ARG C 263 12.90 9.20 28.54
C ARG C 263 12.96 7.69 28.65
N GLY C 264 12.96 7.00 27.50
CA GLY C 264 12.95 5.55 27.48
C GLY C 264 11.58 4.97 27.27
N THR C 265 10.53 5.77 27.37
CA THR C 265 9.16 5.25 27.21
C THR C 265 8.67 5.69 25.85
N GLU C 266 8.06 4.78 25.10
CA GLU C 266 7.42 5.19 23.83
C GLU C 266 6.17 5.99 24.17
N LEU C 267 5.96 7.12 23.50
CA LEU C 267 4.88 8.04 23.89
C LEU C 267 3.97 8.38 22.72
N TYR C 268 2.69 8.46 23.00
CA TYR C 268 1.71 9.05 22.09
C TYR C 268 0.97 10.12 22.87
N VAL C 269 0.88 11.32 22.32
CA VAL C 269 0.13 12.36 23.04
C VAL C 269 -0.76 13.10 22.04
N SER C 270 -2.03 13.29 22.39
CA SER C 270 -2.92 14.10 21.54
C SER C 270 -3.43 15.30 22.34
N ASN C 271 -3.83 16.36 21.62
CA ASN C 271 -4.33 17.57 22.26
C ASN C 271 -5.85 17.49 22.40
N ALA C 272 -6.51 18.63 22.55
CA ALA C 272 -7.91 18.64 22.97
C ALA C 272 -8.74 18.04 21.87
N SER C 273 -9.62 17.14 22.29
CA SER C 273 -10.50 16.39 21.39
C SER C 273 -11.44 17.30 20.62
N GLY C 274 -11.94 18.35 21.28
CA GLY C 274 -12.90 19.25 20.68
C GLY C 274 -13.89 19.78 21.68
N GLU C 301 -21.99 31.24 28.98
CA GLU C 301 -21.22 30.61 30.05
C GLU C 301 -20.48 29.37 29.57
N THR C 302 -21.25 28.34 29.24
CA THR C 302 -20.71 27.02 29.00
C THR C 302 -19.91 26.95 27.70
N VAL C 303 -20.33 27.73 26.71
CA VAL C 303 -19.60 27.87 25.44
C VAL C 303 -18.24 28.59 25.65
N VAL C 304 -18.27 29.67 26.43
CA VAL C 304 -17.09 30.41 26.80
C VAL C 304 -16.16 29.53 27.64
N THR C 305 -16.68 28.94 28.71
CA THR C 305 -15.86 28.10 29.57
C THR C 305 -15.26 26.94 28.76
N GLY C 306 -16.07 26.35 27.89
CA GLY C 306 -15.60 25.27 27.04
C GLY C 306 -14.44 25.63 26.13
N GLY C 307 -14.53 26.81 25.51
CA GLY C 307 -13.45 27.26 24.66
C GLY C 307 -12.14 27.47 25.43
N ILE C 308 -12.24 28.03 26.62
CA ILE C 308 -11.07 28.30 27.48
C ILE C 308 -10.46 26.96 27.91
N ILE C 309 -11.30 26.04 28.37
CA ILE C 309 -10.82 24.73 28.81
C ILE C 309 -10.10 24.02 27.67
N GLU C 310 -10.67 24.10 26.48
CA GLU C 310 -10.01 23.53 25.32
C GLU C 310 -8.66 24.18 25.03
N ALA C 311 -8.61 25.51 25.04
CA ALA C 311 -7.34 26.17 24.74
C ALA C 311 -6.34 25.86 25.83
N ALA C 312 -6.82 25.77 27.08
CA ALA C 312 -5.93 25.51 28.20
C ALA C 312 -5.31 24.13 28.05
N THR C 313 -6.11 23.18 27.60
CA THR C 313 -5.60 21.82 27.34
C THR C 313 -4.55 21.86 26.25
N ASN C 314 -4.80 22.63 25.20
CA ASN C 314 -3.88 22.73 24.08
C ASN C 314 -2.59 23.41 24.50
N LYS C 315 -2.71 24.40 25.37
CA LYS C 315 -1.52 25.01 25.94
C LYS C 315 -0.68 23.98 26.72
N CYS C 316 -1.34 23.18 27.57
CA CYS C 316 -0.62 22.17 28.33
C CYS C 316 0.12 21.26 27.40
N THR C 317 -0.55 20.85 26.33
CA THR C 317 0.04 19.89 25.39
C THR C 317 1.23 20.52 24.64
N HIS C 318 1.06 21.77 24.23
CA HIS C 318 2.14 22.54 23.60
C HIS C 318 3.35 22.70 24.51
N ASP C 319 3.11 22.99 25.78
CA ASP C 319 4.20 23.13 26.75
C ASP C 319 4.94 21.82 26.96
N LEU C 320 4.20 20.72 27.05
CA LEU C 320 4.80 19.41 27.20
C LEU C 320 5.63 19.08 25.97
N LYS C 321 5.11 19.40 24.80
CA LYS C 321 5.88 19.14 23.56
C LYS C 321 7.17 19.96 23.52
N ALA C 322 7.10 21.25 23.85
CA ALA C 322 8.32 22.09 23.86
C ALA C 322 9.39 21.50 24.77
N LYS C 323 8.94 20.98 25.91
CA LYS C 323 9.88 20.54 26.93
C LYS C 323 10.46 19.15 26.60
N LEU C 324 9.64 18.29 26.00
CA LEU C 324 10.15 16.98 25.55
C LEU C 324 11.11 17.17 24.37
N ASP C 325 10.70 18.00 23.41
CA ASP C 325 11.56 18.27 22.23
C ASP C 325 12.91 18.82 22.72
N SER C 326 12.87 19.78 23.64
CA SER C 326 14.10 20.35 24.19
C SER C 326 14.99 19.31 24.82
N ALA C 327 14.42 18.30 25.48
CA ALA C 327 15.21 17.26 26.12
C ALA C 327 15.64 16.16 25.16
N GLY C 328 15.19 16.22 23.91
CA GLY C 328 15.44 15.13 22.98
C GLY C 328 14.66 13.86 23.26
N ILE C 329 13.46 13.99 23.82
CA ILE C 329 12.62 12.83 24.09
C ILE C 329 11.51 12.80 23.05
N PRO C 330 11.52 11.79 22.16
CA PRO C 330 10.53 11.84 21.09
C PRO C 330 9.16 11.28 21.50
N ALA C 331 8.13 11.72 20.79
CA ALA C 331 6.79 11.22 21.00
C ALA C 331 6.07 11.26 19.68
N ASP C 332 5.01 10.47 19.60
CA ASP C 332 4.04 10.56 18.49
C ASP C 332 2.98 11.54 18.87
N TRP C 333 2.98 12.68 18.17
CA TRP C 333 2.11 13.80 18.49
C TRP C 333 0.93 13.80 17.55
N ASN C 334 -0.27 13.92 18.11
CA ASN C 334 -1.44 14.12 17.26
C ASN C 334 -2.05 15.43 17.70
N LEU C 335 -1.69 16.51 17.03
CA LEU C 335 -2.21 17.83 17.40
C LEU C 335 -3.32 18.16 16.42
N ARG C 336 -4.56 18.01 16.84
CA ARG C 336 -5.67 18.26 15.90
C ARG C 336 -6.18 19.71 15.90
N PRO C 337 -6.59 20.19 14.72
CA PRO C 337 -7.22 21.50 14.59
C PRO C 337 -8.56 21.56 15.29
N HIS C 341 -16.33 17.13 18.29
CA HIS C 341 -16.75 15.75 18.42
C HIS C 341 -15.77 14.96 19.28
N SER C 342 -15.82 15.18 20.59
CA SER C 342 -14.80 14.67 21.51
C SER C 342 -14.58 13.15 21.44
N TRP C 343 -15.66 12.38 21.59
CA TRP C 343 -15.57 10.92 21.66
C TRP C 343 -15.17 10.23 20.36
N GLY C 344 -15.46 10.87 19.22
CA GLY C 344 -15.04 10.38 17.92
C GLY C 344 -13.53 10.48 17.78
N TRP C 345 -12.97 11.58 18.28
CA TRP C 345 -11.52 11.72 18.26
C TRP C 345 -10.82 10.80 19.27
N TRP C 346 -11.47 10.50 20.39
CA TRP C 346 -10.85 9.69 21.45
C TRP C 346 -10.89 8.28 20.98
N GLN C 347 -11.97 7.94 20.30
CA GLN C 347 -12.03 6.66 19.64
C GLN C 347 -10.90 6.56 18.61
N ASP C 348 -10.65 7.62 17.84
CA ASP C 348 -9.52 7.66 16.88
C ASP C 348 -8.13 7.63 17.52
N ASP C 349 -7.98 8.25 18.69
CA ASP C 349 -6.72 8.13 19.42
C ASP C 349 -6.38 6.67 19.79
N LEU C 350 -7.39 5.80 19.86
CA LEU C 350 -7.14 4.38 20.01
C LEU C 350 -6.32 3.85 18.83
N ARG C 351 -6.64 4.33 17.63
CA ARG C 351 -5.90 3.91 16.44
C ARG C 351 -4.49 4.51 16.44
N GLY C 352 -4.38 5.79 16.77
CA GLY C 352 -3.07 6.45 16.76
C GLY C 352 -2.12 5.86 17.79
N SER C 353 -2.63 5.67 19.00
CA SER C 353 -1.76 5.13 20.06
C SER C 353 -1.45 3.65 19.79
N TRP C 354 -2.28 2.98 18.99
CA TRP C 354 -2.00 1.58 18.67
C TRP C 354 -0.71 1.46 17.88
N THR C 355 -0.47 2.37 16.94
CA THR C 355 0.80 2.40 16.21
C THR C 355 1.99 2.53 17.19
N THR C 356 1.88 3.44 18.13
CA THR C 356 2.92 3.60 19.16
C THR C 356 3.08 2.30 19.96
N PHE C 357 1.96 1.74 20.42
CA PHE C 357 2.04 0.53 21.26
C PHE C 357 2.58 -0.65 20.49
N ALA C 358 2.07 -0.86 19.28
CA ALA C 358 2.53 -1.99 18.49
C ALA C 358 4.06 -1.90 18.28
N ARG C 359 4.56 -0.70 18.02
CA ARG C 359 6.01 -0.52 17.87
C ARG C 359 6.72 -0.85 19.21
N ALA C 360 6.16 -0.39 20.32
CA ALA C 360 6.84 -0.57 21.60
C ALA C 360 6.84 -2.04 21.98
N PHE C 361 5.79 -2.75 21.55
CA PHE C 361 5.63 -4.15 21.87
C PHE C 361 6.34 -5.04 20.86
N GLU C 362 6.83 -4.43 19.78
CA GLU C 362 7.46 -5.16 18.68
C GLU C 362 6.51 -6.13 17.97
N LEU C 363 5.23 -5.73 17.93
CA LEU C 363 4.20 -6.44 17.16
C LEU C 363 4.20 -5.99 15.69
N GLU C 364 4.25 -4.66 15.48
CA GLU C 364 4.35 -4.03 14.15
C GLU C 364 4.39 -2.50 14.29
N ALA D 30 10.80 -5.33 -31.36
CA ALA D 30 11.72 -4.52 -30.55
C ALA D 30 12.41 -5.43 -29.56
N GLU D 31 13.65 -5.10 -29.19
CA GLU D 31 14.36 -5.89 -28.19
C GLU D 31 13.88 -5.59 -26.76
N VAL D 32 13.42 -4.37 -26.54
CA VAL D 32 12.95 -3.95 -25.22
C VAL D 32 11.52 -4.43 -25.04
N THR D 33 11.23 -5.07 -23.91
CA THR D 33 9.92 -5.66 -23.67
C THR D 33 8.99 -4.73 -22.91
N PRO D 34 7.70 -5.06 -22.84
CA PRO D 34 6.81 -4.28 -21.96
C PRO D 34 7.29 -4.23 -20.52
N ALA D 35 7.70 -5.39 -19.97
CA ALA D 35 8.22 -5.41 -18.58
C ALA D 35 9.43 -4.52 -18.36
N ASP D 36 10.34 -4.48 -19.33
CA ASP D 36 11.54 -3.63 -19.25
C ASP D 36 11.19 -2.15 -18.95
N VAL D 37 10.17 -1.63 -19.60
CA VAL D 37 9.82 -0.22 -19.39
C VAL D 37 8.79 -0.03 -18.28
N ALA D 38 8.05 -1.08 -17.95
CA ALA D 38 7.01 -0.93 -16.93
C ALA D 38 7.63 -0.88 -15.54
N GLY D 39 8.66 -1.68 -15.32
CA GLY D 39 9.24 -1.80 -13.98
C GLY D 39 8.17 -2.25 -13.01
N ASP D 40 8.03 -1.47 -11.93
CA ASP D 40 7.07 -1.75 -10.87
C ASP D 40 5.63 -1.31 -11.15
N THR D 41 5.39 -0.69 -12.30
CA THR D 41 4.07 -0.10 -12.56
C THR D 41 2.88 -1.06 -12.37
N ALA D 42 1.83 -0.63 -11.66
CA ALA D 42 0.59 -1.40 -11.59
C ALA D 42 -0.02 -1.45 -13.01
N LEU D 43 -0.27 -2.66 -13.50
CA LEU D 43 -0.69 -2.86 -14.91
C LEU D 43 -2.16 -2.73 -15.15
N SER D 44 -2.51 -2.44 -16.40
CA SER D 44 -3.89 -2.28 -16.78
CA SER D 44 -3.89 -2.28 -16.80
C SER D 44 -4.62 -3.62 -16.79
N THR D 45 -5.93 -3.58 -16.53
CA THR D 45 -6.79 -4.75 -16.66
C THR D 45 -7.59 -4.54 -17.91
N ILE D 46 -7.56 -5.53 -18.81
CA ILE D 46 -8.28 -5.38 -20.07
C ILE D 46 -9.57 -6.19 -20.17
N SER D 47 -10.66 -5.51 -20.49
CA SER D 47 -11.97 -6.16 -20.64
C SER D 47 -12.38 -6.13 -22.10
N ASP D 48 -13.14 -7.13 -22.53
CA ASP D 48 -13.72 -7.05 -23.84
C ASP D 48 -14.94 -6.17 -23.75
N SER D 49 -15.62 -6.25 -22.61
CA SER D 49 -16.89 -5.59 -22.45
CA SER D 49 -16.90 -5.61 -22.40
C SER D 49 -16.74 -4.23 -21.76
N ALA D 50 -17.59 -3.29 -22.15
CA ALA D 50 -17.61 -1.95 -21.58
C ALA D 50 -17.95 -1.98 -20.09
N PRO D 51 -17.38 -1.05 -19.32
CA PRO D 51 -17.69 -0.99 -17.88
C PRO D 51 -19.17 -0.82 -17.66
N ALA D 52 -19.64 -1.36 -16.55
CA ALA D 52 -21.06 -1.35 -16.24
C ALA D 52 -21.62 0.05 -16.05
N ASP D 53 -20.76 1.01 -15.73
CA ASP D 53 -21.23 2.32 -15.30
C ASP D 53 -21.05 3.40 -16.36
N GLU D 54 -20.89 2.97 -17.62
CA GLU D 54 -20.77 3.91 -18.73
C GLU D 54 -22.13 4.53 -19.01
N ALA D 55 -22.19 5.87 -19.06
CA ALA D 55 -23.47 6.55 -19.27
C ALA D 55 -24.00 6.44 -20.70
N SER D 56 -23.09 6.54 -21.65
CA SER D 56 -23.44 6.84 -23.04
C SER D 56 -22.71 5.87 -23.95
N ALA D 57 -23.43 5.30 -24.91
CA ALA D 57 -22.79 4.53 -25.98
C ALA D 57 -21.84 5.43 -26.80
N PRO D 58 -20.61 4.98 -27.03
CA PRO D 58 -19.66 5.76 -27.85
C PRO D 58 -20.16 6.02 -29.28
N ARG D 59 -19.91 7.22 -29.79
CA ARG D 59 -20.27 7.64 -31.14
C ARG D 59 -19.74 6.66 -32.19
N TRP D 60 -18.59 6.07 -31.88
CA TRP D 60 -17.92 5.18 -32.80
C TRP D 60 -18.33 3.72 -32.72
N ARG D 61 -19.22 3.36 -31.80
CA ARG D 61 -19.48 1.92 -31.60
C ARG D 61 -20.13 1.30 -32.85
N ALA D 62 -21.04 2.06 -33.45
CA ALA D 62 -21.79 1.60 -34.63
C ALA D 62 -20.87 1.26 -35.79
N HIS D 63 -19.91 2.13 -36.07
CA HIS D 63 -18.85 1.85 -37.06
C HIS D 63 -18.04 0.63 -36.72
N VAL D 64 -17.62 0.49 -35.46
CA VAL D 64 -16.90 -0.70 -35.06
C VAL D 64 -17.78 -1.93 -35.23
N ASN D 65 -19.05 -1.83 -34.89
CA ASN D 65 -19.89 -3.04 -34.98
C ASN D 65 -20.17 -3.46 -36.44
N ALA D 66 -20.11 -2.49 -37.34
CA ALA D 66 -20.36 -2.70 -38.77
C ALA D 66 -19.13 -3.24 -39.52
N ALA D 67 -17.97 -3.19 -38.88
CA ALA D 67 -16.72 -3.66 -39.49
C ALA D 67 -16.54 -5.17 -39.33
N ASP D 68 -15.51 -5.69 -40.01
CA ASP D 68 -15.05 -7.06 -39.90
C ASP D 68 -14.92 -7.42 -38.43
N GLU D 69 -15.23 -8.67 -38.10
CA GLU D 69 -15.16 -9.19 -36.73
C GLU D 69 -13.78 -9.05 -36.09
N ARG D 70 -12.75 -8.87 -36.91
CA ARG D 70 -11.42 -8.69 -36.38
C ARG D 70 -11.26 -7.32 -35.72
N VAL D 71 -12.17 -6.39 -36.01
CA VAL D 71 -12.15 -5.09 -35.29
C VAL D 71 -12.90 -5.27 -33.96
N LYS D 72 -12.27 -4.92 -32.85
CA LYS D 72 -12.86 -5.19 -31.55
C LYS D 72 -12.83 -3.92 -30.73
N GLU D 73 -13.87 -3.71 -29.92
CA GLU D 73 -13.88 -2.69 -28.87
C GLU D 73 -13.36 -3.36 -27.60
N MET D 74 -12.35 -2.76 -26.98
CA MET D 74 -11.85 -3.26 -25.69
C MET D 74 -11.75 -2.10 -24.74
N TRP D 75 -11.71 -2.39 -23.45
CA TRP D 75 -11.56 -1.36 -22.43
C TRP D 75 -10.42 -1.69 -21.51
N ALA D 76 -9.58 -0.70 -21.23
CA ALA D 76 -8.42 -0.93 -20.41
C ALA D 76 -8.50 0.00 -19.20
N TYR D 77 -8.49 -0.58 -18.00
CA TYR D 77 -8.47 0.23 -16.78
C TYR D 77 -7.06 0.79 -16.56
N SER D 78 -6.96 2.07 -16.24
CA SER D 78 -5.66 2.67 -15.91
C SER D 78 -5.60 2.89 -14.42
N PRO D 79 -4.70 2.19 -13.70
CA PRO D 79 -4.66 2.44 -12.24
C PRO D 79 -4.26 3.87 -11.88
N SER D 80 -3.31 4.42 -12.63
CA SER D 80 -2.81 5.77 -12.35
C SER D 80 -3.87 6.85 -12.51
N MET D 81 -4.79 6.68 -13.46
CA MET D 81 -5.82 7.68 -13.72
C MET D 81 -7.18 7.35 -13.06
N ASP D 82 -7.32 6.10 -12.59
CA ASP D 82 -8.62 5.58 -12.20
C ASP D 82 -9.68 5.80 -13.31
N ARG D 83 -9.38 5.35 -14.53
CA ARG D 83 -10.20 5.68 -15.69
C ARG D 83 -10.28 4.40 -16.53
N ASN D 84 -11.44 4.11 -17.10
CA ASN D 84 -11.55 3.02 -18.03
C ASN D 84 -11.40 3.59 -19.44
N VAL D 85 -10.28 3.27 -20.08
CA VAL D 85 -9.99 3.80 -21.43
C VAL D 85 -10.51 2.89 -22.55
N PRO D 86 -11.45 3.40 -23.38
CA PRO D 86 -11.87 2.57 -24.52
C PRO D 86 -10.81 2.51 -25.61
N LEU D 87 -10.71 1.33 -26.24
CA LEU D 87 -9.75 1.11 -27.31
C LEU D 87 -10.49 0.51 -28.49
N VAL D 88 -10.25 1.05 -29.69
CA VAL D 88 -10.67 0.38 -30.91
C VAL D 88 -9.46 -0.39 -31.40
N VAL D 89 -9.58 -1.71 -31.48
CA VAL D 89 -8.43 -2.54 -31.81
C VAL D 89 -8.68 -3.32 -33.08
N ILE D 90 -7.78 -3.16 -34.04
CA ILE D 90 -7.83 -3.99 -35.25
C ILE D 90 -6.91 -5.17 -35.03
N THR D 91 -7.45 -6.39 -35.04
CA THR D 91 -6.61 -7.54 -34.73
C THR D 91 -6.19 -8.22 -36.03
N ALA D 92 -4.96 -8.74 -36.01
CA ALA D 92 -4.43 -9.54 -37.12
C ALA D 92 -5.17 -10.84 -37.19
N ASP D 93 -5.26 -11.43 -38.38
CA ASP D 93 -5.93 -12.73 -38.47
C ASP D 93 -5.10 -13.76 -37.74
N GLU D 94 -5.77 -14.72 -37.09
CA GLU D 94 -5.05 -15.72 -36.30
C GLU D 94 -4.18 -16.59 -37.20
N SER D 95 -4.60 -16.73 -38.45
CA SER D 95 -3.88 -17.57 -39.41
C SER D 95 -2.50 -16.99 -39.73
N ALA D 96 -2.32 -15.72 -39.38
CA ALA D 96 -1.06 -15.02 -39.62
C ALA D 96 0.04 -15.40 -38.64
N GLY D 97 -0.31 -16.02 -37.51
CA GLY D 97 0.66 -16.23 -36.45
C GLY D 97 0.84 -14.89 -35.75
N PRO D 98 1.72 -14.82 -34.73
CA PRO D 98 1.91 -13.53 -34.03
C PRO D 98 2.37 -12.40 -34.98
N ARG D 99 1.79 -11.19 -34.84
CA ARG D 99 2.10 -10.06 -35.72
C ARG D 99 2.38 -8.80 -34.89
N PRO D 100 2.99 -7.75 -35.51
CA PRO D 100 3.32 -6.50 -34.79
C PRO D 100 2.10 -5.76 -34.27
N VAL D 101 2.32 -4.76 -33.40
CA VAL D 101 1.19 -3.90 -33.03
C VAL D 101 1.57 -2.43 -33.31
N ILE D 102 0.62 -1.67 -33.86
CA ILE D 102 0.80 -0.24 -34.02
C ILE D 102 -0.10 0.45 -32.99
N TYR D 103 0.48 1.35 -32.18
CA TYR D 103 -0.33 2.22 -31.32
C TYR D 103 -0.58 3.50 -32.13
N LEU D 104 -1.81 3.70 -32.57
CA LEU D 104 -2.19 4.84 -33.40
C LEU D 104 -3.02 5.83 -32.59
N LEU D 105 -2.51 7.04 -32.44
CA LEU D 105 -3.16 8.04 -31.61
C LEU D 105 -3.95 9.06 -32.41
N ASN D 106 -5.12 9.40 -31.87
CA ASN D 106 -5.93 10.48 -32.40
C ASN D 106 -5.26 11.81 -32.09
N GLY D 107 -5.76 12.88 -32.72
CA GLY D 107 -5.31 14.23 -32.43
C GLY D 107 -6.04 14.77 -31.23
N GLY D 108 -6.23 16.09 -31.15
CA GLY D 108 -6.84 16.72 -29.98
C GLY D 108 -8.20 16.19 -29.59
N ASP D 109 -8.94 15.67 -30.57
CA ASP D 109 -10.28 15.12 -30.32
C ASP D 109 -10.18 13.95 -29.33
N GLY D 110 -9.05 13.25 -29.38
CA GLY D 110 -8.78 12.14 -28.47
C GLY D 110 -9.63 10.90 -28.76
N GLY D 111 -10.46 10.95 -29.79
CA GLY D 111 -11.39 9.85 -30.05
C GLY D 111 -12.71 10.09 -29.34
N GLU D 112 -12.81 11.22 -28.65
CA GLU D 112 -13.99 11.53 -27.85
C GLU D 112 -15.08 12.31 -28.58
N GLY D 113 -14.79 12.83 -29.77
CA GLY D 113 -15.79 13.51 -30.55
C GLY D 113 -15.89 12.92 -31.94
N ALA D 114 -16.06 13.77 -32.96
CA ALA D 114 -16.19 13.32 -34.35
C ALA D 114 -14.89 13.42 -35.15
N ALA D 115 -13.91 14.16 -34.63
CA ALA D 115 -12.73 14.44 -35.44
C ALA D 115 -11.59 13.46 -35.15
N ASN D 116 -11.78 12.20 -35.52
CA ASN D 116 -10.76 11.21 -35.21
C ASN D 116 -10.63 10.16 -36.30
N TRP D 117 -9.63 9.28 -36.18
CA TRP D 117 -9.35 8.32 -37.26
C TRP D 117 -10.53 7.44 -37.62
N VAL D 118 -11.18 6.91 -36.60
CA VAL D 118 -12.27 5.97 -36.80
C VAL D 118 -13.49 6.61 -37.51
N MET D 119 -13.81 7.84 -37.15
CA MET D 119 -14.97 8.50 -37.74
C MET D 119 -14.70 9.21 -39.05
N GLN D 120 -13.44 9.48 -39.36
CA GLN D 120 -13.17 10.34 -40.51
C GLN D 120 -12.33 9.69 -41.60
N THR D 121 -11.84 8.46 -41.39
CA THR D 121 -10.99 7.85 -42.40
C THR D 121 -11.34 6.38 -42.56
N ASP D 122 -10.71 5.72 -43.53
CA ASP D 122 -10.93 4.28 -43.68
C ASP D 122 -9.91 3.47 -42.92
N VAL D 123 -9.52 3.96 -41.73
CA VAL D 123 -8.39 3.36 -41.01
C VAL D 123 -8.66 1.87 -40.75
N LEU D 124 -9.91 1.51 -40.45
CA LEU D 124 -10.22 0.13 -40.14
C LEU D 124 -9.94 -0.79 -41.35
N ASP D 125 -10.52 -0.45 -42.50
CA ASP D 125 -10.33 -1.26 -43.70
C ASP D 125 -8.88 -1.28 -44.12
N PHE D 126 -8.20 -0.14 -44.00
CA PHE D 126 -6.82 -0.05 -44.41
C PHE D 126 -5.95 -1.06 -43.70
N TYR D 127 -6.11 -1.18 -42.38
CA TYR D 127 -5.23 -2.05 -41.65
C TYR D 127 -5.72 -3.50 -41.66
N LEU D 128 -7.02 -3.68 -41.86
CA LEU D 128 -7.59 -5.03 -41.93
C LEU D 128 -7.00 -5.79 -43.11
N GLU D 129 -6.63 -5.08 -44.15
CA GLU D 129 -6.07 -5.71 -45.33
C GLU D 129 -4.67 -6.26 -45.05
N LYS D 130 -4.04 -5.74 -43.99
CA LYS D 130 -2.63 -6.08 -43.70
C LYS D 130 -2.62 -7.13 -42.59
N ASN D 131 -1.48 -7.71 -42.30
CA ASN D 131 -1.54 -8.64 -41.17
C ASN D 131 -0.95 -7.97 -39.94
N VAL D 132 -1.72 -7.10 -39.28
CA VAL D 132 -1.12 -6.29 -38.26
C VAL D 132 -2.13 -5.89 -37.19
N ASN D 133 -1.68 -5.84 -35.93
CA ASN D 133 -2.57 -5.33 -34.88
C ASN D 133 -2.50 -3.82 -34.78
N VAL D 134 -3.63 -3.15 -34.56
CA VAL D 134 -3.59 -1.70 -34.35
C VAL D 134 -4.44 -1.34 -33.14
N VAL D 135 -3.89 -0.50 -32.25
CA VAL D 135 -4.62 -0.10 -31.05
C VAL D 135 -4.85 1.41 -31.09
N ILE D 136 -6.13 1.82 -31.11
CA ILE D 136 -6.49 3.23 -31.18
C ILE D 136 -7.23 3.63 -29.92
N PRO D 137 -6.56 4.31 -28.99
CA PRO D 137 -7.28 4.77 -27.80
C PRO D 137 -8.35 5.80 -28.15
N MET D 138 -9.52 5.73 -27.51
CA MET D 138 -10.59 6.65 -27.88
C MET D 138 -10.97 7.59 -26.73
N GLU D 139 -10.05 7.81 -25.81
CA GLU D 139 -10.15 8.93 -24.88
C GLU D 139 -8.80 9.61 -24.84
N GLY D 140 -8.78 10.84 -24.34
CA GLY D 140 -7.54 11.58 -24.20
C GLY D 140 -7.60 12.96 -24.82
N LYS D 141 -8.81 13.51 -24.98
CA LYS D 141 -8.99 14.79 -25.65
C LYS D 141 -8.07 15.86 -25.03
N PHE D 142 -7.41 16.61 -25.90
CA PHE D 142 -6.60 17.76 -25.55
C PHE D 142 -5.48 17.46 -24.55
N SER D 143 -5.00 16.21 -24.48
CA SER D 143 -4.12 15.84 -23.38
C SER D 143 -2.65 15.73 -23.75
N TYR D 144 -2.35 15.79 -25.05
CA TYR D 144 -1.01 15.44 -25.55
C TYR D 144 -0.53 14.04 -25.21
N TYR D 145 -1.45 13.20 -24.75
CA TYR D 145 -1.11 11.84 -24.31
C TYR D 145 0.12 11.82 -23.42
N THR D 146 0.15 12.73 -22.44
CA THR D 146 1.30 12.85 -21.60
C THR D 146 0.88 12.73 -20.13
N ASP D 147 1.88 12.79 -19.22
CA ASP D 147 1.64 12.78 -17.78
C ASP D 147 1.65 14.22 -17.31
N TRP D 148 0.48 14.74 -16.95
CA TRP D 148 0.37 16.16 -16.55
C TRP D 148 0.90 16.44 -15.16
N VAL D 149 1.41 17.65 -14.96
CA VAL D 149 1.81 18.08 -13.63
C VAL D 149 0.57 18.27 -12.74
N GLU D 150 -0.41 19.00 -13.24
CA GLU D 150 -1.63 19.30 -12.50
C GLU D 150 -2.83 18.53 -13.05
N GLU D 151 -3.84 18.34 -12.21
CA GLU D 151 -5.10 17.83 -12.71
C GLU D 151 -5.83 18.97 -13.42
N ASN D 152 -6.77 18.63 -14.28
CA ASN D 152 -7.61 19.64 -14.89
C ASN D 152 -9.02 19.07 -14.96
N ALA D 153 -9.96 19.73 -14.28
CA ALA D 153 -11.33 19.23 -14.19
C ALA D 153 -12.03 19.14 -15.55
N SER D 154 -11.68 20.04 -16.46
CA SER D 154 -12.31 20.01 -17.79
C SER D 154 -11.82 18.81 -18.60
N LEU D 155 -10.70 18.20 -18.22
CA LEU D 155 -10.25 17.00 -18.94
C LEU D 155 -10.47 15.72 -18.15
N GLY D 156 -11.27 15.79 -17.10
CA GLY D 156 -11.58 14.58 -16.35
C GLY D 156 -10.66 14.29 -15.19
N GLY D 157 -9.87 15.30 -14.76
CA GLY D 157 -8.99 15.11 -13.62
C GLY D 157 -7.55 14.70 -13.92
N LYS D 158 -7.15 13.52 -13.45
CA LYS D 158 -5.75 13.11 -13.51
C LYS D 158 -5.38 12.57 -14.89
N GLN D 159 -4.34 13.16 -15.49
CA GLN D 159 -3.94 12.79 -16.86
C GLN D 159 -2.57 12.16 -16.74
N MET D 160 -2.50 10.85 -16.93
CA MET D 160 -1.23 10.14 -16.86
C MET D 160 -1.17 9.24 -18.06
N TRP D 161 -1.22 9.85 -19.24
CA TRP D 161 -1.35 9.04 -20.46
C TRP D 161 -0.07 8.39 -20.91
N GLU D 162 1.07 8.97 -20.54
CA GLU D 162 2.33 8.35 -20.94
C GLU D 162 2.55 7.10 -20.06
N THR D 163 2.23 7.25 -18.77
CA THR D 163 2.24 6.08 -17.87
C THR D 163 1.30 4.98 -18.37
N PHE D 164 0.09 5.36 -18.74
CA PHE D 164 -0.85 4.38 -19.30
C PHE D 164 -0.35 3.71 -20.58
N LEU D 165 0.03 4.52 -21.58
CA LEU D 165 0.25 3.96 -22.91
C LEU D 165 1.54 3.19 -23.01
N VAL D 166 2.55 3.60 -22.23
CA VAL D 166 3.84 2.95 -22.27
C VAL D 166 4.00 1.87 -21.20
N LYS D 167 3.48 2.13 -20.00
CA LYS D 167 3.76 1.26 -18.86
C LYS D 167 2.61 0.34 -18.40
N GLU D 168 1.38 0.84 -18.37
CA GLU D 168 0.25 0.03 -17.87
C GLU D 168 -0.30 -0.90 -18.96
N LEU D 169 -0.35 -0.38 -20.19
CA LEU D 169 -1.09 -1.09 -21.24
C LEU D 169 -0.34 -2.19 -21.99
N PRO D 170 0.90 -1.91 -22.43
CA PRO D 170 1.44 -2.89 -23.39
C PRO D 170 1.58 -4.33 -22.93
N GLY D 171 2.03 -4.57 -21.70
CA GLY D 171 2.18 -5.94 -21.21
C GLY D 171 0.90 -6.76 -21.37
N PRO D 172 -0.18 -6.33 -20.69
CA PRO D 172 -1.45 -7.05 -20.79
C PRO D 172 -2.04 -7.05 -22.21
N LEU D 173 -1.97 -5.90 -22.88
CA LEU D 173 -2.55 -5.82 -24.21
C LEU D 173 -1.82 -6.67 -25.24
N GLU D 174 -0.49 -6.61 -25.28
CA GLU D 174 0.23 -7.38 -26.29
C GLU D 174 0.14 -8.88 -25.98
N GLU D 175 0.05 -9.22 -24.70
CA GLU D 175 -0.24 -10.63 -24.39
C GLU D 175 -1.58 -11.04 -24.96
N LYS D 176 -2.62 -10.23 -24.72
CA LYS D 176 -3.96 -10.55 -25.18
C LYS D 176 -4.00 -10.69 -26.72
N LEU D 177 -3.25 -9.84 -27.41
CA LEU D 177 -3.24 -9.86 -28.88
C LEU D 177 -2.25 -10.86 -29.42
N ASN D 178 -1.51 -11.55 -28.55
CA ASN D 178 -0.46 -12.48 -28.97
C ASN D 178 0.43 -11.85 -30.04
N THR D 179 1.00 -10.68 -29.76
CA THR D 179 1.82 -10.02 -30.79
C THR D 179 3.17 -10.70 -30.95
N ASP D 180 3.92 -10.30 -31.98
CA ASP D 180 5.27 -10.85 -32.19
C ASP D 180 6.38 -10.07 -31.45
N GLY D 181 6.01 -9.17 -30.55
CA GLY D 181 7.00 -8.39 -29.82
C GLY D 181 7.53 -7.16 -30.55
N GLN D 182 7.08 -6.95 -31.79
CA GLN D 182 7.43 -5.73 -32.48
C GLN D 182 6.32 -4.69 -32.33
N ARG D 183 6.70 -3.41 -32.32
CA ARG D 183 5.68 -2.38 -32.12
C ARG D 183 6.08 -1.06 -32.75
N ALA D 184 5.09 -0.22 -33.00
CA ALA D 184 5.32 1.11 -33.55
C ALA D 184 4.31 2.06 -32.95
N ILE D 185 4.56 3.35 -33.12
CA ILE D 185 3.62 4.34 -32.61
C ILE D 185 3.45 5.44 -33.65
N ALA D 186 2.24 5.96 -33.76
CA ALA D 186 1.94 7.00 -34.75
C ALA D 186 0.95 7.97 -34.16
N GLY D 187 1.05 9.23 -34.56
CA GLY D 187 0.16 10.24 -34.02
C GLY D 187 0.02 11.37 -35.01
N MET D 188 -1.04 12.13 -34.85
CA MET D 188 -1.30 13.30 -35.72
C MET D 188 -1.58 14.51 -34.88
N SER D 189 -1.22 15.70 -35.36
CA SER D 189 -1.56 16.95 -34.65
C SER D 189 -0.95 16.93 -33.27
N MET D 190 -1.70 17.13 -32.19
CA MET D 190 -1.06 17.08 -30.86
C MET D 190 -0.26 15.79 -30.65
N SER D 191 -0.80 14.66 -31.12
CA SER D 191 -0.12 13.42 -30.79
C SER D 191 1.03 13.15 -31.75
N ALA D 192 1.25 14.02 -32.73
CA ALA D 192 2.48 13.87 -33.53
C ALA D 192 3.67 14.33 -32.68
N THR D 193 3.39 15.06 -31.61
CA THR D 193 4.43 15.35 -30.60
C THR D 193 4.69 14.08 -29.77
N THR D 194 3.62 13.50 -29.23
CA THR D 194 3.70 12.27 -28.44
C THR D 194 4.46 11.18 -29.13
N SER D 195 4.20 11.00 -30.43
CA SER D 195 4.78 9.86 -31.11
C SER D 195 6.28 10.03 -31.36
N LEU D 196 6.80 11.24 -31.22
CA LEU D 196 8.25 11.40 -31.19
C LEU D 196 8.78 11.35 -29.73
N LEU D 197 8.03 11.87 -28.77
CA LEU D 197 8.51 11.85 -27.36
C LEU D 197 8.65 10.44 -26.79
N PHE D 198 7.64 9.60 -27.00
CA PHE D 198 7.69 8.26 -26.41
C PHE D 198 8.96 7.48 -26.82
N PRO D 199 9.31 7.46 -28.12
CA PRO D 199 10.60 6.82 -28.47
C PRO D 199 11.84 7.50 -27.87
N GLN D 200 11.79 8.80 -27.61
CA GLN D 200 12.92 9.46 -26.94
C GLN D 200 12.98 9.07 -25.49
N HIS D 201 11.82 8.87 -24.86
CA HIS D 201 11.76 8.62 -23.42
C HIS D 201 12.10 7.17 -23.18
N PHE D 202 11.82 6.32 -24.16
CA PHE D 202 12.04 4.88 -23.99
C PHE D 202 12.72 4.33 -25.23
N PRO D 203 14.00 4.62 -25.40
CA PRO D 203 14.70 4.17 -26.62
C PRO D 203 14.71 2.64 -26.73
N GLY D 204 14.44 2.18 -27.94
CA GLY D 204 14.42 0.77 -28.22
C GLY D 204 13.06 0.14 -28.02
N PHE D 205 12.13 0.81 -27.34
CA PHE D 205 10.83 0.20 -27.09
C PHE D 205 10.00 0.14 -28.38
N TYR D 206 10.07 1.19 -29.19
CA TYR D 206 9.35 1.21 -30.48
C TYR D 206 10.32 0.95 -31.62
N ASP D 207 9.93 0.04 -32.51
CA ASP D 207 10.71 -0.24 -33.70
C ASP D 207 10.62 0.91 -34.68
N ALA D 208 9.49 1.61 -34.65
CA ALA D 208 9.25 2.67 -35.62
C ALA D 208 8.31 3.71 -35.03
N ALA D 209 8.39 4.94 -35.51
CA ALA D 209 7.47 5.99 -35.08
C ALA D 209 7.08 6.82 -36.27
N ALA D 210 5.83 7.28 -36.28
CA ALA D 210 5.35 8.20 -37.32
C ALA D 210 4.70 9.41 -36.71
N SER D 211 4.95 10.58 -37.31
CA SER D 211 4.49 11.84 -36.76
C SER D 211 3.87 12.63 -37.90
N PHE D 212 2.56 12.87 -37.82
CA PHE D 212 1.85 13.54 -38.92
C PHE D 212 1.41 14.97 -38.53
N SER D 213 1.97 15.98 -39.19
CA SER D 213 1.47 17.36 -39.06
CA SER D 213 1.49 17.36 -39.05
C SER D 213 1.49 17.86 -37.60
N GLY D 214 2.66 17.90 -36.98
CA GLY D 214 2.70 18.36 -35.60
C GLY D 214 3.93 19.19 -35.34
N CYS D 215 4.08 19.63 -34.10
CA CYS D 215 5.31 20.35 -33.72
C CYS D 215 6.16 19.52 -32.76
N ALA D 216 7.37 19.13 -33.17
CA ALA D 216 8.25 18.41 -32.22
C ALA D 216 8.68 19.33 -31.07
N ALA D 217 8.98 20.59 -31.41
CA ALA D 217 9.37 21.59 -30.42
C ALA D 217 8.17 21.98 -29.54
N THR D 218 8.44 22.21 -28.25
CA THR D 218 7.34 22.56 -27.35
C THR D 218 7.73 23.57 -26.27
N SER D 219 9.00 23.94 -26.19
CA SER D 219 9.42 24.71 -25.02
C SER D 219 9.87 26.15 -25.32
N SER D 220 10.15 26.48 -26.58
CA SER D 220 10.46 27.87 -26.96
C SER D 220 9.16 28.66 -27.00
N LEU D 221 9.24 29.99 -27.09
CA LEU D 221 8.03 30.81 -27.03
C LEU D 221 6.94 30.48 -28.04
N LEU D 222 7.31 30.34 -29.31
CA LEU D 222 6.30 30.05 -30.32
C LEU D 222 5.74 28.62 -30.17
N PRO D 223 6.60 27.61 -29.98
CA PRO D 223 6.01 26.28 -29.81
C PRO D 223 5.17 26.18 -28.54
N TRP D 224 5.49 26.96 -27.51
CA TRP D 224 4.69 26.98 -26.28
C TRP D 224 3.29 27.54 -26.58
N GLU D 225 3.20 28.62 -27.38
CA GLU D 225 1.89 29.10 -27.82
C GLU D 225 1.16 28.09 -28.68
N TYR D 226 1.91 27.31 -29.43
CA TYR D 226 1.31 26.31 -30.32
C TYR D 226 0.58 25.26 -29.48
N LEU D 227 1.14 24.93 -28.32
CA LEU D 227 0.48 24.00 -27.40
C LEU D 227 -0.90 24.51 -27.03
N LYS D 228 -1.00 25.82 -26.83
CA LYS D 228 -2.25 26.44 -26.43
C LYS D 228 -3.35 26.28 -27.47
N LEU D 229 -3.01 26.13 -28.75
CA LEU D 229 -4.02 25.87 -29.77
C LEU D 229 -4.86 24.66 -29.40
N THR D 230 -4.22 23.65 -28.82
CA THR D 230 -4.94 22.45 -28.38
C THR D 230 -5.48 22.67 -26.97
N LEU D 231 -4.62 23.12 -26.06
CA LEU D 231 -5.02 23.20 -24.65
C LEU D 231 -6.14 24.20 -24.36
N ASP D 232 -6.24 25.28 -25.14
CA ASP D 232 -7.33 26.24 -24.93
C ASP D 232 -8.69 25.56 -25.10
N ARG D 233 -8.77 24.62 -26.03
CA ARG D 233 -9.99 23.87 -26.33
C ARG D 233 -10.46 23.05 -25.13
N GLY D 234 -9.54 22.67 -24.26
CA GLY D 234 -9.88 21.93 -23.05
C GLY D 234 -9.83 22.79 -21.81
N ASN D 235 -9.89 24.11 -21.98
CA ASN D 235 -9.84 25.04 -20.84
C ASN D 235 -8.64 24.73 -19.94
N ALA D 236 -7.48 24.56 -20.55
CA ALA D 236 -6.27 24.19 -19.82
C ALA D 236 -5.09 25.05 -20.26
N THR D 237 -4.00 24.94 -19.52
CA THR D 237 -2.80 25.72 -19.80
C THR D 237 -1.62 24.77 -19.93
N PRO D 238 -0.63 25.15 -20.75
CA PRO D 238 0.55 24.27 -20.78
C PRO D 238 1.35 24.20 -19.46
N GLU D 239 1.23 25.21 -18.61
CA GLU D 239 1.82 25.10 -17.28
C GLU D 239 1.19 23.97 -16.42
N GLN D 240 -0.12 23.75 -16.55
CA GLN D 240 -0.76 22.62 -15.88
C GLN D 240 -0.20 21.30 -16.40
N MET D 241 0.12 21.28 -17.69
CA MET D 241 0.52 20.05 -18.33
C MET D 241 1.99 19.72 -18.03
N TRP D 242 2.88 20.67 -18.32
CA TRP D 242 4.32 20.38 -18.22
C TRP D 242 5.12 21.29 -17.31
N GLY D 243 4.47 22.13 -16.52
CA GLY D 243 5.23 23.00 -15.62
C GLY D 243 5.59 24.30 -16.32
N PRO D 244 6.43 25.11 -15.68
CA PRO D 244 6.79 26.42 -16.26
C PRO D 244 7.43 26.25 -17.63
N ARG D 245 7.19 27.16 -18.56
CA ARG D 245 7.86 27.07 -19.85
C ARG D 245 9.37 27.01 -19.66
N GLY D 246 10.01 26.04 -20.34
CA GLY D 246 11.46 25.93 -20.29
C GLY D 246 12.03 25.24 -19.07
N GLY D 247 11.16 24.87 -18.13
CA GLY D 247 11.58 24.07 -17.01
C GLY D 247 11.95 22.67 -17.47
N GLU D 248 12.60 21.93 -16.59
CA GLU D 248 13.16 20.64 -17.00
C GLU D 248 12.09 19.67 -17.55
N TYR D 249 10.89 19.66 -16.94
CA TYR D 249 9.86 18.73 -17.44
C TYR D 249 9.36 19.12 -18.85
N ASN D 250 9.28 20.41 -19.10
CA ASN D 250 8.91 20.89 -20.44
C ASN D 250 9.99 20.48 -21.43
N ILE D 251 11.25 20.71 -21.12
CA ILE D 251 12.32 20.37 -22.07
C ILE D 251 12.42 18.87 -22.32
N TYR D 252 12.17 18.08 -21.29
CA TYR D 252 12.15 16.64 -21.40
C TYR D 252 11.04 16.27 -22.38
N ASN D 253 10.02 17.13 -22.44
CA ASN D 253 8.92 16.87 -23.35
C ASN D 253 9.01 17.78 -24.58
N ASP D 254 10.24 18.08 -24.97
CA ASP D 254 10.49 18.84 -26.20
C ASP D 254 11.19 17.90 -27.16
N ALA D 255 10.48 17.46 -28.21
CA ALA D 255 11.02 16.44 -29.09
C ALA D 255 12.07 16.99 -30.04
N LEU D 256 12.12 18.30 -30.19
CA LEU D 256 13.15 18.90 -31.02
C LEU D 256 14.47 18.95 -30.26
N ILE D 257 14.41 19.40 -29.01
CA ILE D 257 15.63 19.49 -28.21
C ILE D 257 16.24 18.11 -28.07
N ASN D 258 15.39 17.11 -27.85
CA ASN D 258 15.84 15.74 -27.61
C ASN D 258 15.85 14.82 -28.84
N SER D 259 15.90 15.45 -30.01
CA SER D 259 15.83 14.73 -31.30
C SER D 259 16.89 13.65 -31.51
N ASP D 260 18.09 13.84 -30.97
CA ASP D 260 19.13 12.82 -31.14
C ASP D 260 18.71 11.47 -30.56
N LYS D 261 17.82 11.48 -29.56
CA LYS D 261 17.39 10.24 -28.94
C LYS D 261 16.56 9.34 -29.86
N LEU D 262 16.11 9.90 -30.99
CA LEU D 262 15.39 9.09 -31.99
C LEU D 262 16.27 8.10 -32.72
N ARG D 263 17.59 8.26 -32.62
CA ARG D 263 18.53 7.40 -33.37
C ARG D 263 18.25 5.94 -33.12
N GLY D 264 18.13 5.17 -34.22
CA GLY D 264 17.77 3.77 -34.12
C GLY D 264 16.32 3.42 -34.38
N THR D 265 15.45 4.42 -34.36
CA THR D 265 14.03 4.19 -34.61
C THR D 265 13.77 4.52 -36.08
N GLU D 266 13.07 3.65 -36.82
CA GLU D 266 12.65 4.00 -38.18
C GLU D 266 11.61 5.08 -38.07
N LEU D 267 11.72 6.13 -38.89
CA LEU D 267 10.85 7.31 -38.79
C LEU D 267 10.10 7.68 -40.06
N TYR D 268 8.82 8.03 -39.91
CA TYR D 268 8.07 8.70 -40.96
C TYR D 268 7.54 10.00 -40.40
N VAL D 269 7.78 11.11 -41.11
CA VAL D 269 7.30 12.41 -40.67
C VAL D 269 6.70 13.17 -41.84
N SER D 270 5.48 13.68 -41.66
CA SER D 270 4.84 14.52 -42.67
C SER D 270 4.55 15.90 -42.09
N ASN D 271 4.49 16.89 -42.98
CA ASN D 271 4.23 18.26 -42.56
C ASN D 271 2.74 18.49 -42.56
N ALA D 272 2.30 19.73 -42.62
CA ALA D 272 0.86 19.97 -42.55
C ALA D 272 0.21 19.93 -43.93
N SER D 273 -1.12 19.99 -43.98
CA SER D 273 -1.89 20.53 -45.11
C SER D 273 -3.34 20.65 -44.67
N GLY D 274 -3.82 21.88 -44.54
CA GLY D 274 -5.00 22.15 -43.74
C GLY D 274 -4.58 22.14 -42.28
N GLU D 301 -10.98 35.68 -40.52
CA GLU D 301 -10.29 35.71 -39.23
C GLU D 301 -9.67 34.35 -38.98
N THR D 302 -10.47 33.30 -39.13
CA THR D 302 -9.98 31.96 -38.87
C THR D 302 -9.06 31.48 -39.99
N VAL D 303 -9.27 31.98 -41.22
CA VAL D 303 -8.43 31.59 -42.35
C VAL D 303 -7.02 32.21 -42.27
N VAL D 304 -6.91 33.42 -41.71
CA VAL D 304 -5.62 33.99 -41.37
C VAL D 304 -4.92 33.14 -40.31
N THR D 305 -5.59 32.93 -39.18
CA THR D 305 -5.01 32.08 -38.14
C THR D 305 -4.72 30.68 -38.70
N GLY D 306 -5.62 30.18 -39.53
CA GLY D 306 -5.45 28.89 -40.17
C GLY D 306 -4.14 28.79 -40.95
N GLY D 307 -3.86 29.80 -41.78
CA GLY D 307 -2.62 29.81 -42.57
C GLY D 307 -1.38 29.92 -41.70
N ILE D 308 -1.49 30.71 -40.64
CA ILE D 308 -0.35 30.88 -39.70
C ILE D 308 -0.06 29.55 -39.00
N ILE D 309 -1.12 28.88 -38.57
CA ILE D 309 -0.95 27.60 -37.87
C ILE D 309 -0.32 26.58 -38.80
N GLU D 310 -0.78 26.52 -40.05
CA GLU D 310 -0.19 25.61 -41.00
C GLU D 310 1.29 25.87 -41.25
N ALA D 311 1.62 27.14 -41.49
CA ALA D 311 3.04 27.50 -41.62
C ALA D 311 3.83 27.20 -40.36
N ALA D 312 3.26 27.44 -39.19
CA ALA D 312 3.99 27.15 -37.93
C ALA D 312 4.31 25.65 -37.82
N THR D 313 3.34 24.82 -38.17
CA THR D 313 3.55 23.37 -38.20
C THR D 313 4.67 23.01 -39.15
N ASN D 314 4.63 23.59 -40.34
CA ASN D 314 5.67 23.33 -41.32
C ASN D 314 7.05 23.79 -40.88
N LYS D 315 7.11 24.93 -40.19
CA LYS D 315 8.36 25.38 -39.58
C LYS D 315 8.85 24.36 -38.56
N CYS D 316 7.97 23.86 -37.69
CA CYS D 316 8.44 22.84 -36.73
C CYS D 316 9.03 21.62 -37.44
N THR D 317 8.38 21.21 -38.52
CA THR D 317 8.80 20.03 -39.28
C THR D 317 10.15 20.26 -39.93
N HIS D 318 10.31 21.45 -40.50
CA HIS D 318 11.57 21.90 -41.07
C HIS D 318 12.66 21.88 -40.02
N ASP D 319 12.35 22.42 -38.85
CA ASP D 319 13.35 22.48 -37.77
C ASP D 319 13.77 21.07 -37.33
N LEU D 320 12.81 20.15 -37.23
CA LEU D 320 13.14 18.78 -36.86
C LEU D 320 14.02 18.15 -37.94
N LYS D 321 13.63 18.33 -39.20
CA LYS D 321 14.42 17.75 -40.29
C LYS D 321 15.84 18.29 -40.28
N ALA D 322 16.00 19.60 -40.03
CA ALA D 322 17.34 20.17 -39.96
C ALA D 322 18.18 19.52 -38.86
N LYS D 323 17.56 19.32 -37.69
CA LYS D 323 18.24 18.67 -36.60
C LYS D 323 18.58 17.23 -36.88
N LEU D 324 17.61 16.46 -37.37
CA LEU D 324 17.86 15.06 -37.67
C LEU D 324 18.90 14.91 -38.78
N ASP D 325 18.81 15.75 -39.82
CA ASP D 325 19.86 15.77 -40.87
C ASP D 325 21.24 16.05 -40.26
N SER D 326 21.33 17.02 -39.36
CA SER D 326 22.64 17.31 -38.78
C SER D 326 23.19 16.09 -38.06
N ALA D 327 22.31 15.35 -37.39
CA ALA D 327 22.78 14.23 -36.56
C ALA D 327 23.00 12.99 -37.40
N GLY D 328 22.58 13.03 -38.66
CA GLY D 328 22.70 11.83 -39.47
C GLY D 328 21.64 10.81 -39.13
N ILE D 329 20.47 11.29 -38.70
CA ILE D 329 19.38 10.40 -38.36
C ILE D 329 18.37 10.45 -39.48
N PRO D 330 18.24 9.33 -40.21
CA PRO D 330 17.38 9.31 -41.41
C PRO D 330 15.89 9.17 -41.05
N ALA D 331 15.03 9.81 -41.85
CA ALA D 331 13.57 9.62 -41.71
C ALA D 331 12.98 9.55 -43.12
N ASP D 332 11.79 8.96 -43.24
CA ASP D 332 11.04 9.12 -44.47
C ASP D 332 10.22 10.38 -44.35
N TRP D 333 10.56 11.40 -45.15
CA TRP D 333 9.86 12.70 -45.06
C TRP D 333 8.79 12.82 -46.11
N ASN D 334 7.64 13.33 -45.70
CA ASN D 334 6.60 13.68 -46.66
C ASN D 334 6.22 15.13 -46.45
N LEU D 335 6.91 16.03 -47.16
CA LEU D 335 6.63 17.44 -47.06
C LEU D 335 5.75 17.80 -48.24
N ARG D 336 4.44 17.74 -48.06
CA ARG D 336 3.51 18.01 -49.17
C ARG D 336 3.31 19.50 -49.40
N PRO D 337 3.22 19.88 -50.68
CA PRO D 337 2.94 21.28 -51.03
C PRO D 337 1.60 21.74 -50.46
N THR D 338 1.48 23.04 -50.26
CA THR D 338 0.26 23.62 -49.74
C THR D 338 -0.55 24.29 -50.86
N HIS D 341 -6.42 19.55 -47.90
CA HIS D 341 -7.56 18.73 -47.45
C HIS D 341 -7.16 17.73 -46.37
N SER D 342 -7.20 18.20 -45.11
CA SER D 342 -6.56 17.52 -43.97
C SER D 342 -6.76 16.00 -43.82
N TRP D 343 -8.01 15.56 -43.65
CA TRP D 343 -8.27 14.16 -43.39
C TRP D 343 -7.90 13.25 -44.58
N GLY D 344 -7.93 13.83 -45.78
CA GLY D 344 -7.53 13.11 -46.97
C GLY D 344 -6.04 12.80 -46.97
N TRP D 345 -5.24 13.77 -46.58
CA TRP D 345 -3.82 13.52 -46.52
C TRP D 345 -3.44 12.66 -45.32
N TRP D 346 -4.20 12.76 -44.22
CA TRP D 346 -3.88 12.01 -43.01
C TRP D 346 -4.20 10.56 -43.32
N GLN D 347 -5.29 10.37 -44.05
CA GLN D 347 -5.57 9.06 -44.58
C GLN D 347 -4.40 8.52 -45.43
N ASP D 348 -3.85 9.36 -46.30
CA ASP D 348 -2.67 8.97 -47.09
C ASP D 348 -1.38 8.78 -46.25
N ASP D 349 -1.28 9.46 -45.11
CA ASP D 349 -0.13 9.24 -44.24
C ASP D 349 -0.13 7.80 -43.70
N LEU D 350 -1.32 7.18 -43.65
CA LEU D 350 -1.40 5.79 -43.25
C LEU D 350 -0.65 4.92 -44.26
N ARG D 351 -0.73 5.27 -45.55
CA ARG D 351 -0.02 4.51 -46.57
C ARG D 351 1.49 4.79 -46.52
N GLY D 352 1.83 6.05 -46.32
CA GLY D 352 3.23 6.46 -46.31
C GLY D 352 3.94 5.84 -45.14
N SER D 353 3.31 5.91 -43.96
CA SER D 353 3.90 5.35 -42.74
C SER D 353 3.92 3.85 -42.81
N TRP D 354 2.96 3.25 -43.54
CA TRP D 354 2.97 1.79 -43.67
C TRP D 354 4.26 1.29 -44.31
N THR D 355 4.74 1.98 -45.34
CA THR D 355 6.02 1.64 -45.96
C THR D 355 7.15 1.60 -44.94
N THR D 356 7.21 2.66 -44.13
CA THR D 356 8.18 2.72 -43.01
C THR D 356 8.00 1.56 -42.00
N PHE D 357 6.76 1.30 -41.58
CA PHE D 357 6.52 0.27 -40.56
C PHE D 357 6.82 -1.15 -41.09
N ALA D 358 6.41 -1.44 -42.32
CA ALA D 358 6.68 -2.78 -42.86
C ALA D 358 8.17 -3.04 -42.93
N ARG D 359 8.93 -2.03 -43.35
CA ARG D 359 10.40 -2.15 -43.38
C ARG D 359 10.93 -2.40 -41.97
N ALA D 360 10.44 -1.64 -40.99
CA ALA D 360 10.89 -1.80 -39.60
C ALA D 360 10.56 -3.21 -39.10
N PHE D 361 9.38 -3.69 -39.47
CA PHE D 361 8.89 -4.95 -38.98
C PHE D 361 9.41 -6.14 -39.79
N GLU D 362 10.20 -5.86 -40.84
CA GLU D 362 10.69 -6.94 -41.72
C GLU D 362 9.53 -7.83 -42.18
N LEU D 363 8.48 -7.19 -42.69
CA LEU D 363 7.28 -7.91 -43.15
C LEU D 363 7.41 -8.36 -44.62
MG MG E . -14.98 7.61 -20.21
#